data_1DBT
#
_entry.id   1DBT
#
_cell.length_a   78.41
_cell.length_b   89.76
_cell.length_c   105.90
_cell.angle_alpha   90
_cell.angle_beta   90
_cell.angle_gamma   90
#
_symmetry.space_group_name_H-M   'P 21 21 2'
#
loop_
_entity.id
_entity.type
_entity.pdbx_description
1 polymer "OROTIDINE 5'-PHOSPHATE DECARBOXYLASE"
2 non-polymer "URIDINE-5'-MONOPHOSPHATE"
3 water water
#
_entity_poly.entity_id   1
_entity_poly.type   'polypeptide(L)'
_entity_poly.pdbx_seq_one_letter_code
;MKNNLPIIALDFASAEETLAFLAPFQQEPLFVKVGMELFYQEGPSIVKQLKERNCELFLDLKLHDIPTTVNKAMKRLASL
GVDLVNVHAAGGKKMMQAALEGLEEGTPAGKKRPSLIAVTQLTSTSEQIMKDELLIEKSLIDTVVHYSKQAEESGLDGVV
CSVHEAKAIYQAVSPSFLTVTPGIRMSEDAANDQVRVATPAIAREKGSSAIVVGRSITKAEDPVKAYKAVRLEWEGIKS
;
_entity_poly.pdbx_strand_id   A,B,C
#
# COMPACT_ATOMS: atom_id res chain seq x y z
N MET A 1 13.47 9.59 18.50
CA MET A 1 14.06 8.23 18.31
C MET A 1 14.01 7.85 16.84
N LYS A 2 15.18 7.79 16.19
CA LYS A 2 15.29 7.45 14.77
C LYS A 2 16.28 6.32 14.49
N ASN A 3 16.02 5.55 13.42
CA ASN A 3 16.89 4.45 13.03
C ASN A 3 17.63 4.78 11.73
N ASN A 4 18.96 4.71 11.81
CA ASN A 4 19.85 5.01 10.70
C ASN A 4 19.82 4.06 9.50
N LEU A 5 19.65 2.77 9.77
CA LEU A 5 19.63 1.78 8.69
C LEU A 5 18.26 1.57 8.08
N PRO A 6 18.15 1.71 6.73
CA PRO A 6 16.86 1.51 6.04
C PRO A 6 16.53 0.03 6.17
N ILE A 7 15.29 -0.26 6.55
CA ILE A 7 14.85 -1.64 6.73
C ILE A 7 14.54 -2.26 5.35
N ILE A 8 15.38 -3.21 4.93
CA ILE A 8 15.22 -3.88 3.64
C ILE A 8 14.17 -5.00 3.70
N ALA A 9 13.11 -4.85 2.92
CA ALA A 9 12.02 -5.83 2.85
C ALA A 9 12.44 -7.03 2.01
N LEU A 10 12.67 -8.15 2.68
CA LEU A 10 13.09 -9.38 2.02
C LEU A 10 11.88 -10.16 1.51
N ASP A 11 11.29 -9.63 0.44
CA ASP A 11 10.12 -10.21 -0.19
C ASP A 11 10.49 -11.17 -1.32
N PHE A 12 10.90 -12.37 -0.88
CA PHE A 12 11.35 -13.45 -1.74
C PHE A 12 10.59 -14.73 -1.42
N ALA A 13 10.53 -15.63 -2.39
CA ALA A 13 9.82 -16.91 -2.25
C ALA A 13 10.55 -17.98 -1.45
N SER A 14 11.85 -17.82 -1.22
CA SER A 14 12.63 -18.82 -0.48
C SER A 14 13.85 -18.26 0.22
N ALA A 15 14.44 -19.07 1.12
CA ALA A 15 15.65 -18.69 1.86
C ALA A 15 16.82 -18.56 0.90
N GLU A 16 16.81 -19.40 -0.14
CA GLU A 16 17.84 -19.41 -1.18
C GLU A 16 17.92 -18.10 -1.95
N GLU A 17 16.76 -17.60 -2.38
CA GLU A 17 16.64 -16.34 -3.11
C GLU A 17 17.11 -15.18 -2.25
N THR A 18 16.70 -15.23 -0.97
CA THR A 18 17.04 -14.24 0.05
C THR A 18 18.55 -14.14 0.29
N LEU A 19 19.19 -15.29 0.47
CA LEU A 19 20.64 -15.39 0.71
C LEU A 19 21.51 -14.99 -0.47
N ALA A 20 20.97 -15.16 -1.69
CA ALA A 20 21.65 -14.79 -2.93
C ALA A 20 21.67 -13.27 -3.05
N PHE A 21 20.53 -12.66 -2.72
CA PHE A 21 20.35 -11.19 -2.75
C PHE A 21 21.25 -10.53 -1.71
N LEU A 22 21.32 -11.15 -0.53
CA LEU A 22 22.13 -10.64 0.59
C LEU A 22 23.63 -10.89 0.49
N ALA A 23 24.06 -11.61 -0.54
CA ALA A 23 25.49 -11.92 -0.75
C ALA A 23 26.41 -10.69 -0.90
N PRO A 24 26.03 -9.66 -1.71
CA PRO A 24 26.90 -8.47 -1.85
C PRO A 24 26.98 -7.57 -0.60
N PHE A 25 26.07 -7.82 0.34
CA PHE A 25 25.97 -7.05 1.59
C PHE A 25 26.60 -7.78 2.79
N GLN A 26 27.46 -8.77 2.51
CA GLN A 26 28.12 -9.59 3.54
C GLN A 26 28.87 -8.87 4.67
N GLN A 27 29.50 -7.75 4.36
CA GLN A 27 30.26 -6.97 5.34
C GLN A 27 29.50 -5.75 5.87
N GLU A 28 28.28 -5.58 5.39
CA GLU A 28 27.42 -4.45 5.76
C GLU A 28 26.51 -4.73 6.95
N PRO A 29 26.32 -3.72 7.85
CA PRO A 29 25.42 -3.88 9.02
C PRO A 29 24.02 -3.84 8.40
N LEU A 30 23.16 -4.78 8.77
CA LEU A 30 21.82 -4.82 8.17
C LEU A 30 20.62 -4.84 9.10
N PHE A 31 19.56 -4.18 8.63
CA PHE A 31 18.26 -4.17 9.32
C PHE A 31 17.36 -4.70 8.23
N VAL A 32 16.93 -5.95 8.40
CA VAL A 32 16.09 -6.63 7.43
C VAL A 32 14.67 -6.88 7.94
N LYS A 33 13.75 -7.08 6.98
CA LYS A 33 12.35 -7.34 7.26
C LYS A 33 11.89 -8.64 6.60
N VAL A 34 11.34 -9.54 7.42
CA VAL A 34 10.81 -10.82 6.99
C VAL A 34 9.29 -10.66 7.05
N GLY A 35 8.64 -10.81 5.90
CA GLY A 35 7.20 -10.68 5.82
C GLY A 35 6.51 -12.01 5.70
N MET A 36 5.25 -11.99 5.28
CA MET A 36 4.45 -13.22 5.13
C MET A 36 4.97 -14.20 4.09
N GLU A 37 5.39 -13.69 2.93
CA GLU A 37 5.91 -14.53 1.84
C GLU A 37 7.07 -15.44 2.25
N LEU A 38 8.13 -14.85 2.79
CA LEU A 38 9.32 -15.59 3.21
C LEU A 38 9.09 -16.48 4.44
N PHE A 39 8.31 -15.99 5.40
CA PHE A 39 8.01 -16.73 6.64
C PHE A 39 7.05 -17.89 6.44
N TYR A 40 6.10 -17.76 5.52
CA TYR A 40 5.12 -18.82 5.28
C TYR A 40 5.66 -19.96 4.45
N GLN A 41 6.82 -19.73 3.85
CA GLN A 41 7.50 -20.74 3.04
C GLN A 41 8.52 -21.49 3.90
N GLU A 42 9.34 -20.74 4.64
CA GLU A 42 10.41 -21.31 5.46
C GLU A 42 10.14 -21.54 6.95
N GLY A 43 9.27 -20.72 7.52
CA GLY A 43 8.95 -20.81 8.94
C GLY A 43 9.99 -20.12 9.81
N PRO A 44 10.11 -20.48 11.10
CA PRO A 44 11.06 -19.89 12.05
C PRO A 44 12.54 -20.03 11.67
N SER A 45 12.87 -21.03 10.85
CA SER A 45 14.26 -21.28 10.43
C SER A 45 14.91 -20.09 9.73
N ILE A 46 14.14 -19.34 8.94
CA ILE A 46 14.67 -18.17 8.24
C ILE A 46 15.02 -17.01 9.19
N VAL A 47 14.24 -16.87 10.27
CA VAL A 47 14.49 -15.83 11.28
C VAL A 47 15.81 -16.16 11.99
N LYS A 48 15.98 -17.45 12.31
CA LYS A 48 17.17 -17.98 12.99
C LYS A 48 18.41 -17.80 12.12
N GLN A 49 18.28 -18.14 10.83
CA GLN A 49 19.36 -18.03 9.84
C GLN A 49 19.87 -16.60 9.68
N LEU A 50 18.95 -15.65 9.66
CA LEU A 50 19.29 -14.23 9.52
C LEU A 50 19.84 -13.61 10.80
N LYS A 51 19.46 -14.19 11.95
CA LYS A 51 19.91 -13.76 13.27
C LYS A 51 21.34 -14.23 13.53
N GLU A 52 21.68 -15.38 12.95
CA GLU A 52 23.02 -15.99 13.05
C GLU A 52 23.99 -15.12 12.23
N ARG A 53 23.46 -14.41 11.24
CA ARG A 53 24.21 -13.52 10.36
C ARG A 53 24.21 -12.07 10.87
N ASN A 54 23.87 -11.93 12.16
CA ASN A 54 23.82 -10.67 12.90
C ASN A 54 23.01 -9.50 12.34
N CYS A 55 21.95 -9.85 11.61
CA CYS A 55 21.03 -8.87 11.03
C CYS A 55 20.01 -8.45 12.10
N GLU A 56 19.65 -7.18 12.11
CA GLU A 56 18.60 -6.68 13.01
C GLU A 56 17.34 -7.12 12.26
N LEU A 57 16.35 -7.64 12.98
CA LEU A 57 15.18 -8.16 12.30
C LEU A 57 13.79 -7.66 12.68
N PHE A 58 13.04 -7.31 11.64
CA PHE A 58 11.66 -6.86 11.72
C PHE A 58 10.87 -8.04 11.17
N LEU A 59 10.04 -8.64 12.01
CA LEU A 59 9.18 -9.74 11.61
C LEU A 59 7.80 -9.14 11.45
N ASP A 60 7.50 -8.79 10.20
CA ASP A 60 6.26 -8.13 9.77
C ASP A 60 5.12 -9.12 9.46
N LEU A 61 4.55 -9.72 10.50
CA LEU A 61 3.45 -10.67 10.31
C LEU A 61 2.06 -10.08 10.47
N LYS A 62 1.98 -8.88 11.03
CA LYS A 62 0.72 -8.13 11.24
C LYS A 62 -0.42 -8.92 11.88
N LEU A 63 -0.15 -9.45 13.08
CA LEU A 63 -1.13 -10.24 13.82
C LEU A 63 -2.46 -9.53 14.05
N HIS A 64 -3.52 -10.15 13.56
CA HIS A 64 -4.87 -9.61 13.65
C HIS A 64 -5.83 -10.78 13.91
N ASP A 65 -6.07 -11.04 15.18
CA ASP A 65 -6.94 -12.14 15.65
C ASP A 65 -7.56 -11.74 17.00
N ILE A 66 -8.14 -12.71 17.72
CA ILE A 66 -8.75 -12.48 19.03
C ILE A 66 -7.63 -12.25 20.08
N PRO A 67 -7.89 -11.47 21.16
CA PRO A 67 -6.87 -11.22 22.19
C PRO A 67 -5.96 -12.37 22.67
N THR A 68 -6.57 -13.50 23.02
CA THR A 68 -5.80 -14.66 23.52
C THR A 68 -4.91 -15.36 22.49
N THR A 69 -5.32 -15.38 21.22
CA THR A 69 -4.52 -15.99 20.15
C THR A 69 -3.29 -15.14 19.87
N VAL A 70 -3.48 -13.82 19.81
CA VAL A 70 -2.39 -12.87 19.56
C VAL A 70 -1.39 -12.92 20.72
N ASN A 71 -1.92 -13.09 21.94
CA ASN A 71 -1.12 -13.19 23.17
C ASN A 71 -0.25 -14.45 23.10
N LYS A 72 -0.86 -15.56 22.72
CA LYS A 72 -0.17 -16.85 22.63
C LYS A 72 0.80 -16.95 21.45
N ALA A 73 0.47 -16.27 20.35
CA ALA A 73 1.32 -16.24 19.17
C ALA A 73 2.54 -15.33 19.38
N MET A 74 2.36 -14.25 20.14
CA MET A 74 3.45 -13.33 20.46
C MET A 74 4.47 -13.96 21.42
N LYS A 75 4.01 -14.93 22.23
CA LYS A 75 4.86 -15.68 23.16
C LYS A 75 5.84 -16.55 22.37
N ARG A 76 5.35 -17.09 21.24
CA ARG A 76 6.14 -17.92 20.33
C ARG A 76 7.17 -17.07 19.56
N LEU A 77 6.74 -15.88 19.15
CA LEU A 77 7.60 -14.96 18.40
C LEU A 77 8.67 -14.31 19.28
N ALA A 78 8.37 -14.16 20.56
CA ALA A 78 9.33 -13.57 21.52
C ALA A 78 10.45 -14.58 21.86
N SER A 79 10.15 -15.86 21.64
CA SER A 79 11.07 -16.97 21.87
C SER A 79 12.03 -17.14 20.68
N LEU A 80 11.69 -16.49 19.56
CA LEU A 80 12.48 -16.52 18.33
C LEU A 80 13.66 -15.56 18.37
N GLY A 81 13.49 -14.47 19.11
CA GLY A 81 14.55 -13.48 19.26
C GLY A 81 14.56 -12.31 18.29
N VAL A 82 13.38 -11.90 17.82
CA VAL A 82 13.26 -10.78 16.88
C VAL A 82 13.41 -9.42 17.58
N ASP A 83 13.71 -8.38 16.81
CA ASP A 83 13.89 -7.03 17.37
C ASP A 83 12.66 -6.14 17.27
N LEU A 84 11.88 -6.34 16.21
CA LEU A 84 10.67 -5.56 15.94
C LEU A 84 9.59 -6.50 15.37
N VAL A 85 8.38 -6.39 15.91
CA VAL A 85 7.25 -7.21 15.49
C VAL A 85 5.99 -6.33 15.47
N ASN A 86 4.95 -6.76 14.74
CA ASN A 86 3.73 -5.96 14.65
C ASN A 86 2.34 -6.61 14.70
N VAL A 87 1.34 -5.75 14.91
CA VAL A 87 -0.08 -6.11 14.98
C VAL A 87 -0.87 -5.05 14.19
N HIS A 88 -2.16 -5.30 13.97
CA HIS A 88 -3.03 -4.32 13.31
C HIS A 88 -3.76 -3.57 14.41
N ALA A 89 -3.87 -2.25 14.26
CA ALA A 89 -4.58 -1.42 15.25
C ALA A 89 -6.09 -1.61 15.14
N ALA A 90 -6.52 -2.19 14.00
CA ALA A 90 -7.92 -2.48 13.71
C ALA A 90 -8.41 -3.68 14.54
N GLY A 91 -7.51 -4.23 15.35
CA GLY A 91 -7.87 -5.35 16.22
C GLY A 91 -8.34 -4.89 17.58
N GLY A 92 -8.12 -3.60 17.86
CA GLY A 92 -8.55 -3.03 19.13
C GLY A 92 -7.47 -2.97 20.19
N LYS A 93 -7.76 -2.20 21.25
CA LYS A 93 -6.85 -2.00 22.38
C LYS A 93 -6.56 -3.25 23.20
N LYS A 94 -7.63 -4.00 23.54
CA LYS A 94 -7.54 -5.25 24.31
C LYS A 94 -6.57 -6.24 23.65
N MET A 95 -6.64 -6.28 22.32
CA MET A 95 -5.80 -7.14 21.50
C MET A 95 -4.35 -6.68 21.45
N MET A 96 -4.14 -5.36 21.32
CA MET A 96 -2.79 -4.78 21.28
C MET A 96 -2.10 -4.94 22.64
N GLN A 97 -2.89 -4.87 23.72
CA GLN A 97 -2.38 -5.05 25.10
C GLN A 97 -1.98 -6.49 25.33
N ALA A 98 -2.83 -7.41 24.86
CA ALA A 98 -2.60 -8.86 24.98
C ALA A 98 -1.33 -9.27 24.22
N ALA A 99 -1.07 -8.56 23.12
CA ALA A 99 0.10 -8.77 22.28
C ALA A 99 1.37 -8.38 23.05
N LEU A 100 1.29 -7.25 23.76
CA LEU A 100 2.39 -6.74 24.57
C LEU A 100 2.70 -7.70 25.74
N GLU A 101 1.64 -8.18 26.41
CA GLU A 101 1.75 -9.12 27.52
C GLU A 101 2.34 -10.46 27.07
N GLY A 102 1.98 -10.85 25.83
CA GLY A 102 2.48 -12.08 25.24
C GLY A 102 3.98 -12.00 25.02
N LEU A 103 4.44 -10.87 24.49
CA LEU A 103 5.85 -10.61 24.24
C LEU A 103 6.65 -10.55 25.54
N GLU A 104 6.05 -10.00 26.59
CA GLU A 104 6.68 -9.88 27.91
C GLU A 104 6.87 -11.23 28.60
N GLU A 105 5.85 -12.09 28.52
CA GLU A 105 5.90 -13.43 29.13
C GLU A 105 6.74 -14.44 28.35
N GLY A 106 6.81 -14.27 27.02
CA GLY A 106 7.56 -15.18 26.18
C GLY A 106 9.05 -14.85 26.03
N THR A 107 9.44 -13.67 26.51
CA THR A 107 10.84 -13.24 26.45
C THR A 107 11.63 -13.74 27.67
N PRO A 108 12.72 -14.50 27.43
CA PRO A 108 13.58 -15.04 28.50
C PRO A 108 14.31 -13.91 29.23
N ALA A 109 14.66 -14.15 30.50
CA ALA A 109 15.38 -13.18 31.33
C ALA A 109 16.82 -13.01 30.84
N GLY A 110 17.25 -11.75 30.73
CA GLY A 110 18.59 -11.44 30.26
C GLY A 110 18.59 -10.69 28.93
N LYS A 111 17.49 -10.80 28.18
CA LYS A 111 17.34 -10.12 26.89
C LYS A 111 16.10 -9.22 26.87
N LYS A 112 16.12 -8.21 26.00
CA LYS A 112 15.00 -7.26 25.88
C LYS A 112 13.84 -7.79 25.06
N ARG A 113 12.63 -7.41 25.46
CA ARG A 113 11.43 -7.83 24.76
C ARG A 113 11.39 -7.13 23.39
N PRO A 114 10.95 -7.84 22.33
CA PRO A 114 10.88 -7.23 21.00
C PRO A 114 10.01 -5.97 20.99
N SER A 115 10.43 -4.96 20.24
CA SER A 115 9.67 -3.72 20.10
C SER A 115 8.37 -4.04 19.35
N LEU A 116 7.25 -3.54 19.87
CA LEU A 116 5.94 -3.78 19.28
C LEU A 116 5.29 -2.52 18.73
N ILE A 117 4.93 -2.59 17.46
CA ILE A 117 4.30 -1.49 16.75
C ILE A 117 2.96 -1.93 16.15
N ALA A 118 2.07 -0.97 15.88
CA ALA A 118 0.77 -1.30 15.30
C ALA A 118 0.54 -0.71 13.94
N VAL A 119 -0.02 -1.51 13.03
CA VAL A 119 -0.35 -1.02 11.69
C VAL A 119 -1.63 -0.21 11.82
N THR A 120 -1.58 1.02 11.33
CA THR A 120 -2.72 1.94 11.35
C THR A 120 -3.57 1.66 10.11
N GLN A 121 -3.22 2.29 8.99
CA GLN A 121 -3.88 2.04 7.72
C GLN A 121 -2.74 1.72 6.79
N LEU A 122 -2.85 0.60 6.07
CA LEU A 122 -1.84 0.15 5.12
C LEU A 122 -1.51 1.23 4.07
N THR A 123 -0.23 1.33 3.71
CA THR A 123 0.24 2.31 2.74
C THR A 123 -0.35 2.16 1.32
N SER A 124 -1.07 1.05 1.13
CA SER A 124 -1.73 0.72 -0.12
C SER A 124 -3.23 1.04 -0.11
N THR A 125 -3.71 1.53 1.03
CA THR A 125 -5.11 1.87 1.24
C THR A 125 -5.35 3.37 1.04
N SER A 126 -6.22 3.70 0.08
CA SER A 126 -6.56 5.09 -0.19
C SER A 126 -7.76 5.46 0.67
N GLU A 127 -8.04 6.77 0.78
CA GLU A 127 -9.16 7.27 1.57
C GLU A 127 -10.51 6.79 1.03
N GLN A 128 -10.58 6.67 -0.30
CA GLN A 128 -11.79 6.22 -1.02
C GLN A 128 -12.08 4.74 -0.68
N ILE A 129 -11.03 3.92 -0.68
CA ILE A 129 -11.13 2.49 -0.36
C ILE A 129 -11.47 2.34 1.14
N MET A 130 -10.87 3.19 1.96
CA MET A 130 -11.10 3.17 3.42
C MET A 130 -12.55 3.54 3.79
N LYS A 131 -13.13 4.47 3.04
CA LYS A 131 -14.51 4.90 3.29
C LYS A 131 -15.57 3.96 2.71
N ASP A 132 -15.39 3.56 1.45
CA ASP A 132 -16.36 2.69 0.78
C ASP A 132 -16.32 1.20 1.13
N GLU A 133 -15.11 0.65 1.21
CA GLU A 133 -14.93 -0.78 1.50
C GLU A 133 -14.81 -1.14 2.99
N LEU A 134 -14.11 -0.30 3.76
CA LEU A 134 -13.92 -0.53 5.20
C LEU A 134 -14.97 0.11 6.11
N LEU A 135 -15.73 1.04 5.55
CA LEU A 135 -16.80 1.79 6.23
C LEU A 135 -16.39 2.71 7.38
N ILE A 136 -15.19 3.25 7.29
CA ILE A 136 -14.66 4.20 8.28
C ILE A 136 -14.98 5.59 7.70
N GLU A 137 -15.92 6.30 8.34
CA GLU A 137 -16.37 7.61 7.91
C GLU A 137 -15.42 8.80 8.14
N LYS A 138 -14.50 8.66 9.10
CA LYS A 138 -13.51 9.70 9.41
C LYS A 138 -12.47 9.76 8.28
N SER A 139 -11.69 10.84 8.22
CA SER A 139 -10.66 10.99 7.20
C SER A 139 -9.51 10.02 7.52
N LEU A 140 -8.75 9.62 6.49
CA LEU A 140 -7.63 8.68 6.67
C LEU A 140 -6.60 9.16 7.68
N ILE A 141 -6.21 10.43 7.58
CA ILE A 141 -5.22 11.02 8.48
C ILE A 141 -5.72 11.05 9.95
N ASP A 142 -7.02 11.26 10.14
CA ASP A 142 -7.63 11.28 11.49
C ASP A 142 -7.74 9.86 12.06
N THR A 143 -7.99 8.88 11.18
CA THR A 143 -8.12 7.46 11.54
C THR A 143 -6.76 6.93 11.97
N VAL A 144 -5.71 7.36 11.25
CA VAL A 144 -4.32 6.97 11.52
C VAL A 144 -3.86 7.56 12.86
N VAL A 145 -4.24 8.81 13.13
CA VAL A 145 -3.91 9.50 14.39
C VAL A 145 -4.62 8.81 15.55
N HIS A 146 -5.93 8.52 15.37
CA HIS A 146 -6.73 7.85 16.39
C HIS A 146 -6.15 6.46 16.70
N TYR A 147 -5.84 5.69 15.65
CA TYR A 147 -5.26 4.34 15.77
C TYR A 147 -3.89 4.35 16.46
N SER A 148 -3.10 5.39 16.19
CA SER A 148 -1.78 5.58 16.79
C SER A 148 -1.89 5.91 18.28
N LYS A 149 -2.94 6.67 18.62
CA LYS A 149 -3.20 7.07 20.00
C LYS A 149 -3.68 5.86 20.80
N GLN A 150 -4.46 4.98 20.15
CA GLN A 150 -4.97 3.75 20.77
C GLN A 150 -3.80 2.82 21.04
N ALA A 151 -2.84 2.80 20.10
CA ALA A 151 -1.63 1.98 20.22
C ALA A 151 -0.76 2.42 21.40
N GLU A 152 -0.60 3.73 21.56
CA GLU A 152 0.17 4.31 22.67
C GLU A 152 -0.48 4.04 24.03
N GLU A 153 -1.80 4.19 24.08
CA GLU A 153 -2.61 3.96 25.29
C GLU A 153 -2.55 2.50 25.71
N SER A 154 -2.33 1.63 24.72
CA SER A 154 -2.21 0.18 24.92
C SER A 154 -0.80 -0.24 25.39
N GLY A 155 0.13 0.72 25.37
CA GLY A 155 1.50 0.47 25.80
C GLY A 155 2.50 0.12 24.71
N LEU A 156 2.13 0.36 23.45
CA LEU A 156 2.98 0.06 22.30
C LEU A 156 4.08 1.08 22.05
N ASP A 157 5.13 0.62 21.34
CA ASP A 157 6.30 1.44 21.04
C ASP A 157 6.13 2.37 19.85
N GLY A 158 5.19 2.05 18.97
CA GLY A 158 4.97 2.88 17.81
C GLY A 158 3.93 2.38 16.85
N VAL A 159 4.07 2.83 15.59
CA VAL A 159 3.16 2.46 14.53
C VAL A 159 3.79 2.31 13.16
N VAL A 160 3.05 1.65 12.27
CA VAL A 160 3.41 1.51 10.87
C VAL A 160 2.39 2.47 10.24
N CYS A 161 2.88 3.42 9.46
CA CYS A 161 2.03 4.41 8.79
C CYS A 161 2.82 4.89 7.60
N SER A 162 2.26 5.83 6.83
CA SER A 162 2.99 6.39 5.71
C SER A 162 3.61 7.69 6.21
N VAL A 163 4.63 8.16 5.49
CA VAL A 163 5.36 9.40 5.79
C VAL A 163 4.46 10.63 5.96
N HIS A 164 3.39 10.68 5.16
CA HIS A 164 2.45 11.80 5.14
C HIS A 164 1.53 11.95 6.34
N GLU A 165 1.59 10.97 7.25
CA GLU A 165 0.80 10.98 8.47
C GLU A 165 1.66 11.20 9.70
N ALA A 166 2.98 11.10 9.54
CA ALA A 166 3.94 11.24 10.64
C ALA A 166 3.86 12.55 11.42
N LYS A 167 3.73 13.68 10.72
CA LYS A 167 3.63 15.00 11.37
C LYS A 167 2.37 15.15 12.23
N ALA A 168 1.25 14.61 11.75
CA ALA A 168 -0.02 14.65 12.46
C ALA A 168 -0.05 13.69 13.65
N ILE A 169 0.65 12.55 13.52
CA ILE A 169 0.76 11.56 14.61
C ILE A 169 1.50 12.19 15.78
N TYR A 170 2.58 12.91 15.49
CA TYR A 170 3.40 13.58 16.50
C TYR A 170 2.76 14.79 17.20
N GLN A 171 1.54 15.13 16.80
CA GLN A 171 0.78 16.22 17.41
C GLN A 171 -0.09 15.62 18.53
N ALA A 172 -0.26 14.29 18.50
CA ALA A 172 -1.08 13.57 19.48
C ALA A 172 -0.31 12.62 20.40
N VAL A 173 0.84 12.14 19.93
CA VAL A 173 1.67 11.20 20.72
C VAL A 173 3.01 11.77 21.18
N SER A 174 3.70 10.96 21.99
CA SER A 174 5.02 11.28 22.56
C SER A 174 6.11 11.33 21.46
N PRO A 175 7.14 12.20 21.62
CA PRO A 175 8.22 12.31 20.62
C PRO A 175 9.06 11.04 20.40
N SER A 176 9.11 10.18 21.41
CA SER A 176 9.87 8.92 21.35
C SER A 176 9.09 7.76 20.72
N PHE A 177 7.85 8.05 20.29
CA PHE A 177 6.97 7.07 19.64
C PHE A 177 7.46 6.82 18.22
N LEU A 178 7.59 5.55 17.86
CA LEU A 178 8.08 5.11 16.56
C LEU A 178 7.11 5.21 15.40
N THR A 179 7.60 5.73 14.28
CA THR A 179 6.83 5.83 13.05
C THR A 179 7.66 5.07 12.01
N VAL A 180 7.27 3.82 11.78
CA VAL A 180 7.96 2.98 10.79
C VAL A 180 7.17 3.16 9.51
N THR A 181 7.84 3.70 8.51
CA THR A 181 7.18 4.01 7.25
C THR A 181 7.55 3.33 5.94
N PRO A 182 6.66 2.46 5.42
CA PRO A 182 6.87 1.79 4.14
C PRO A 182 6.29 2.74 3.08
N GLY A 183 6.18 2.27 1.84
CA GLY A 183 5.66 3.11 0.76
C GLY A 183 6.75 4.09 0.35
N ILE A 184 7.97 3.57 0.32
CA ILE A 184 9.16 4.33 -0.02
C ILE A 184 9.66 3.95 -1.41
N ARG A 185 9.84 4.96 -2.25
CA ARG A 185 10.33 4.80 -3.63
C ARG A 185 11.30 5.93 -3.95
N MET A 186 12.20 5.70 -4.92
CA MET A 186 13.11 6.77 -5.36
C MET A 186 12.31 7.60 -6.37
N SER A 187 12.80 8.78 -6.73
CA SER A 187 12.13 9.68 -7.70
C SER A 187 11.74 9.08 -9.05
N GLU A 188 12.59 8.21 -9.59
CA GLU A 188 12.35 7.58 -10.89
C GLU A 188 11.74 6.16 -10.79
N ASP A 189 11.17 5.83 -9.63
CA ASP A 189 10.57 4.51 -9.40
C ASP A 189 9.05 4.50 -9.41
N ALA A 190 8.51 3.35 -9.84
CA ALA A 190 7.07 3.10 -9.92
C ALA A 190 6.47 2.89 -8.54
N ALA A 191 5.25 3.39 -8.35
CA ALA A 191 4.56 3.29 -7.07
C ALA A 191 3.98 1.91 -6.73
N ASN A 192 3.75 1.09 -7.76
CA ASN A 192 3.16 -0.26 -7.62
C ASN A 192 1.78 -0.18 -6.93
N ASP A 193 1.52 -1.04 -5.95
CA ASP A 193 0.25 -1.02 -5.22
C ASP A 193 0.21 0.02 -4.08
N GLN A 194 1.30 0.77 -3.93
CA GLN A 194 1.41 1.80 -2.89
C GLN A 194 0.73 3.09 -3.32
N VAL A 195 -0.11 3.63 -2.44
CA VAL A 195 -0.82 4.87 -2.75
C VAL A 195 -0.31 6.11 -2.01
N ARG A 196 0.25 5.91 -0.81
CA ARG A 196 0.78 7.04 -0.02
C ARG A 196 2.31 6.89 0.06
N VAL A 197 2.95 7.37 -1.02
CA VAL A 197 4.39 7.28 -1.25
C VAL A 197 5.24 8.52 -1.00
N ALA A 198 6.52 8.27 -0.66
CA ALA A 198 7.52 9.29 -0.41
C ALA A 198 8.92 8.75 -0.68
N THR A 199 9.85 9.66 -0.94
CA THR A 199 11.25 9.35 -1.20
C THR A 199 11.95 9.27 0.17
N PRO A 200 13.16 8.63 0.26
CA PRO A 200 13.85 8.58 1.56
C PRO A 200 14.15 9.98 2.11
N ALA A 201 14.29 10.94 1.19
CA ALA A 201 14.56 12.34 1.50
C ALA A 201 13.35 13.01 2.15
N ILE A 202 12.16 12.77 1.58
CA ILE A 202 10.89 13.32 2.10
C ILE A 202 10.55 12.67 3.46
N ALA A 203 10.99 11.43 3.65
CA ALA A 203 10.78 10.68 4.90
C ALA A 203 11.57 11.27 6.06
N ARG A 204 12.79 11.73 5.78
CA ARG A 204 13.66 12.36 6.77
C ARG A 204 13.08 13.73 7.15
N GLU A 205 12.61 14.46 6.14
CA GLU A 205 12.01 15.79 6.31
C GLU A 205 10.78 15.78 7.21
N LYS A 206 9.84 14.88 6.94
CA LYS A 206 8.60 14.77 7.71
C LYS A 206 8.70 14.08 9.08
N GLY A 207 9.91 13.60 9.41
CA GLY A 207 10.14 12.99 10.70
C GLY A 207 9.85 11.52 10.95
N SER A 208 10.09 10.69 9.94
CA SER A 208 9.89 9.24 10.05
C SER A 208 11.02 8.68 10.93
N SER A 209 10.68 7.72 11.79
CA SER A 209 11.67 7.10 12.67
C SER A 209 12.50 6.09 11.87
N ALA A 210 11.83 5.32 11.02
CA ALA A 210 12.47 4.29 10.22
C ALA A 210 11.75 4.10 8.89
N ILE A 211 12.52 3.79 7.85
CA ILE A 211 11.95 3.54 6.53
C ILE A 211 12.07 2.09 6.10
N VAL A 212 10.99 1.55 5.55
CA VAL A 212 10.97 0.19 5.04
C VAL A 212 11.01 0.31 3.52
N VAL A 213 12.08 -0.21 2.92
CA VAL A 213 12.27 -0.15 1.47
C VAL A 213 12.37 -1.56 0.89
N GLY A 214 11.51 -1.85 -0.09
CA GLY A 214 11.52 -3.15 -0.74
C GLY A 214 12.01 -3.13 -2.17
N ARG A 215 11.05 -3.08 -3.10
CA ARG A 215 11.29 -3.10 -4.55
C ARG A 215 12.24 -2.07 -5.16
N SER A 216 12.43 -0.94 -4.48
CA SER A 216 13.35 0.11 -4.93
C SER A 216 14.79 -0.36 -4.85
N ILE A 217 15.02 -1.34 -3.97
CA ILE A 217 16.32 -1.96 -3.78
C ILE A 217 16.34 -3.35 -4.43
N THR A 218 15.36 -4.19 -4.07
CA THR A 218 15.29 -5.57 -4.56
C THR A 218 15.06 -5.82 -6.06
N LYS A 219 14.28 -4.96 -6.71
CA LYS A 219 14.00 -5.12 -8.13
C LYS A 219 14.79 -4.19 -9.06
N ALA A 220 15.78 -3.49 -8.48
CA ALA A 220 16.65 -2.58 -9.22
C ALA A 220 17.75 -3.33 -9.96
N GLU A 221 18.29 -2.71 -11.02
CA GLU A 221 19.36 -3.30 -11.84
C GLU A 221 20.62 -3.58 -11.01
N ASP A 222 20.89 -2.68 -10.07
CA ASP A 222 22.03 -2.80 -9.17
C ASP A 222 21.58 -2.48 -7.72
N PRO A 223 21.11 -3.50 -6.96
CA PRO A 223 20.66 -3.39 -5.57
C PRO A 223 21.64 -2.76 -4.58
N VAL A 224 22.93 -2.87 -4.90
CA VAL A 224 24.02 -2.32 -4.10
C VAL A 224 24.04 -0.79 -4.25
N LYS A 225 23.96 -0.33 -5.50
CA LYS A 225 23.95 1.11 -5.83
C LYS A 225 22.64 1.74 -5.31
N ALA A 226 21.55 0.98 -5.39
CA ALA A 226 20.23 1.41 -4.92
C ALA A 226 20.18 1.61 -3.41
N TYR A 227 20.72 0.66 -2.64
CA TYR A 227 20.76 0.75 -1.18
C TYR A 227 21.68 1.89 -0.72
N LYS A 228 22.73 2.16 -1.49
CA LYS A 228 23.67 3.25 -1.20
C LYS A 228 22.96 4.58 -1.44
N ALA A 229 22.24 4.69 -2.56
CA ALA A 229 21.49 5.90 -2.92
C ALA A 229 20.33 6.18 -1.94
N VAL A 230 19.67 5.12 -1.47
CA VAL A 230 18.57 5.21 -0.51
C VAL A 230 19.06 5.71 0.85
N ARG A 231 20.21 5.17 1.28
CA ARG A 231 20.82 5.53 2.57
C ARG A 231 21.41 6.94 2.59
N LEU A 232 21.97 7.39 1.45
CA LEU A 232 22.54 8.74 1.34
C LEU A 232 21.45 9.80 1.51
N GLU A 233 20.32 9.57 0.84
CA GLU A 233 19.14 10.44 0.91
C GLU A 233 18.50 10.44 2.30
N TRP A 234 18.52 9.27 2.95
CA TRP A 234 17.95 9.08 4.29
C TRP A 234 18.80 9.72 5.41
N GLU A 235 20.11 9.78 5.21
CA GLU A 235 21.02 10.38 6.19
C GLU A 235 21.16 11.90 6.02
N GLY A 236 21.03 12.38 4.78
CA GLY A 236 21.12 13.81 4.51
C GLY A 236 22.34 14.32 3.75
N ILE A 237 22.71 13.64 2.66
CA ILE A 237 23.84 14.02 1.82
C ILE A 237 23.34 14.48 0.44
N ASN B 3 -20.46 -28.29 6.62
CA ASN B 3 -19.49 -29.37 6.99
C ASN B 3 -19.91 -30.04 8.30
N ASN B 4 -20.16 -31.35 8.21
CA ASN B 4 -20.58 -32.19 9.34
C ASN B 4 -19.59 -32.32 10.49
N LEU B 5 -18.32 -32.02 10.21
CA LEU B 5 -17.28 -32.11 11.21
C LEU B 5 -16.91 -30.75 11.80
N PRO B 6 -17.02 -30.59 13.14
CA PRO B 6 -16.67 -29.33 13.79
C PRO B 6 -15.17 -29.13 13.70
N ILE B 7 -14.76 -27.92 13.33
CA ILE B 7 -13.34 -27.58 13.17
C ILE B 7 -12.70 -27.34 14.54
N ILE B 8 -11.76 -28.21 14.90
CA ILE B 8 -11.04 -28.11 16.18
C ILE B 8 -9.89 -27.12 16.06
N ALA B 9 -9.86 -26.16 16.98
CA ALA B 9 -8.83 -25.14 17.03
C ALA B 9 -7.60 -25.65 17.77
N LEU B 10 -6.57 -26.02 17.02
CA LEU B 10 -5.32 -26.53 17.58
C LEU B 10 -4.46 -25.36 18.06
N ASP B 11 -4.84 -24.82 19.20
CA ASP B 11 -4.17 -23.68 19.80
C ASP B 11 -3.19 -24.17 20.86
N PHE B 12 -2.11 -24.77 20.35
CA PHE B 12 -1.04 -25.34 21.16
C PHE B 12 0.29 -24.68 20.83
N ALA B 13 1.21 -24.74 21.78
CA ALA B 13 2.52 -24.12 21.67
C ALA B 13 3.63 -24.92 20.97
N SER B 14 3.31 -26.12 20.49
CA SER B 14 4.26 -27.00 19.79
C SER B 14 3.58 -28.17 19.08
N ALA B 15 4.36 -28.86 18.24
CA ALA B 15 3.90 -30.02 17.48
C ALA B 15 3.59 -31.22 18.38
N GLU B 16 4.40 -31.40 19.42
CA GLU B 16 4.26 -32.50 20.37
C GLU B 16 3.00 -32.42 21.23
N GLU B 17 2.61 -31.21 21.61
CA GLU B 17 1.40 -30.97 22.41
C GLU B 17 0.14 -31.14 21.57
N THR B 18 0.29 -30.94 20.26
CA THR B 18 -0.81 -31.08 19.29
C THR B 18 -1.04 -32.56 18.99
N LEU B 19 0.05 -33.28 18.76
CA LEU B 19 0.04 -34.71 18.49
C LEU B 19 -0.45 -35.55 19.66
N ALA B 20 -0.15 -35.07 20.88
CA ALA B 20 -0.55 -35.72 22.14
C ALA B 20 -2.03 -35.49 22.43
N PHE B 21 -2.57 -34.37 21.93
CA PHE B 21 -3.98 -34.01 22.07
C PHE B 21 -4.78 -34.87 21.08
N LEU B 22 -4.23 -35.00 19.87
CA LEU B 22 -4.84 -35.76 18.77
C LEU B 22 -4.77 -37.27 18.88
N ALA B 23 -3.89 -37.79 19.74
CA ALA B 23 -3.70 -39.23 19.93
C ALA B 23 -4.91 -40.08 20.42
N PRO B 24 -5.68 -39.61 21.43
CA PRO B 24 -6.84 -40.42 21.88
C PRO B 24 -8.02 -40.48 20.89
N PHE B 25 -7.93 -39.68 19.82
CA PHE B 25 -8.96 -39.63 18.77
C PHE B 25 -8.75 -40.75 17.75
N GLN B 26 -7.55 -41.32 17.74
CA GLN B 26 -7.10 -42.42 16.87
C GLN B 26 -7.19 -42.20 15.35
N GLN B 27 -8.12 -42.90 14.70
CA GLN B 27 -8.29 -42.79 13.24
C GLN B 27 -9.61 -42.13 12.80
N GLU B 28 -10.26 -41.43 13.74
CA GLU B 28 -11.52 -40.74 13.48
C GLU B 28 -11.29 -39.52 12.56
N PRO B 29 -12.12 -39.33 11.49
CA PRO B 29 -11.97 -38.18 10.58
C PRO B 29 -12.15 -36.85 11.32
N LEU B 30 -11.12 -36.00 11.23
CA LEU B 30 -11.12 -34.70 11.89
C LEU B 30 -10.86 -33.52 10.98
N PHE B 31 -11.55 -32.42 11.25
CA PHE B 31 -11.37 -31.15 10.53
C PHE B 31 -10.66 -30.33 11.60
N VAL B 32 -9.38 -30.01 11.33
CA VAL B 32 -8.58 -29.24 12.26
C VAL B 32 -8.23 -27.86 11.75
N LYS B 33 -7.85 -26.97 12.69
CA LYS B 33 -7.48 -25.61 12.38
C LYS B 33 -6.11 -25.26 12.95
N VAL B 34 -5.19 -24.85 12.08
CA VAL B 34 -3.86 -24.42 12.52
C VAL B 34 -3.89 -22.89 12.50
N GLY B 35 -3.68 -22.31 13.68
CA GLY B 35 -3.70 -20.86 13.81
C GLY B 35 -2.32 -20.28 13.88
N MET B 36 -2.27 -19.00 14.27
CA MET B 36 -1.02 -18.26 14.40
C MET B 36 -0.04 -18.85 15.40
N GLU B 37 -0.54 -19.39 16.51
CA GLU B 37 0.29 -19.96 17.56
C GLU B 37 1.11 -21.19 17.13
N LEU B 38 0.43 -22.17 16.54
CA LEU B 38 1.06 -23.40 16.09
C LEU B 38 1.96 -23.18 14.88
N PHE B 39 1.48 -22.37 13.92
CA PHE B 39 2.23 -22.10 12.70
C PHE B 39 3.46 -21.23 12.89
N TYR B 40 3.38 -20.23 13.76
CA TYR B 40 4.53 -19.34 13.99
C TYR B 40 5.62 -19.98 14.83
N GLN B 41 5.32 -21.16 15.38
CA GLN B 41 6.27 -21.91 16.19
C GLN B 41 6.93 -23.03 15.38
N GLU B 42 6.13 -23.75 14.59
CA GLU B 42 6.60 -24.88 13.80
C GLU B 42 6.84 -24.62 12.33
N GLY B 43 6.08 -23.69 11.75
CA GLY B 43 6.18 -23.38 10.34
C GLY B 43 5.38 -24.36 9.51
N PRO B 44 5.65 -24.48 8.19
CA PRO B 44 4.96 -25.38 7.26
C PRO B 44 4.99 -26.87 7.60
N SER B 45 5.95 -27.28 8.43
CA SER B 45 6.11 -28.67 8.85
C SER B 45 4.89 -29.27 9.56
N ILE B 46 4.22 -28.47 10.40
CA ILE B 46 3.04 -28.95 11.14
C ILE B 46 1.86 -29.24 10.22
N VAL B 47 1.72 -28.44 9.16
CA VAL B 47 0.66 -28.59 8.16
C VAL B 47 0.91 -29.90 7.39
N LYS B 48 2.18 -30.15 7.08
CA LYS B 48 2.62 -31.35 6.37
C LYS B 48 2.48 -32.63 7.20
N GLN B 49 2.59 -32.50 8.53
CA GLN B 49 2.45 -33.62 9.46
C GLN B 49 0.99 -34.03 9.66
N LEU B 50 0.12 -33.02 9.83
CA LEU B 50 -1.32 -33.23 10.05
C LEU B 50 -2.03 -33.77 8.82
N LYS B 51 -1.53 -33.42 7.63
CA LYS B 51 -2.10 -33.88 6.37
C LYS B 51 -1.82 -35.36 6.07
N GLU B 52 -0.77 -35.91 6.69
CA GLU B 52 -0.39 -37.32 6.51
C GLU B 52 -1.30 -38.23 7.34
N ARG B 53 -1.89 -37.64 8.39
CA ARG B 53 -2.82 -38.34 9.28
C ARG B 53 -4.26 -38.14 8.77
N ASN B 54 -4.35 -37.76 7.49
CA ASN B 54 -5.60 -37.50 6.75
C ASN B 54 -6.63 -36.58 7.41
N CYS B 55 -6.11 -35.48 7.93
CA CYS B 55 -6.91 -34.44 8.57
C CYS B 55 -7.32 -33.42 7.51
N GLU B 56 -8.54 -32.91 7.63
CA GLU B 56 -9.04 -31.87 6.73
C GLU B 56 -8.47 -30.63 7.45
N LEU B 57 -7.83 -29.73 6.70
CA LEU B 57 -7.17 -28.59 7.32
C LEU B 57 -7.61 -27.17 6.98
N PHE B 58 -7.63 -26.34 8.01
CA PHE B 58 -7.99 -24.92 7.94
C PHE B 58 -6.78 -24.15 8.47
N LEU B 59 -6.10 -23.42 7.58
CA LEU B 59 -4.95 -22.60 7.97
C LEU B 59 -5.50 -21.19 8.24
N ASP B 60 -5.66 -20.88 9.52
CA ASP B 60 -6.22 -19.61 9.99
C ASP B 60 -5.14 -18.59 10.32
N LEU B 61 -4.52 -18.04 9.28
CA LEU B 61 -3.46 -17.05 9.45
C LEU B 61 -3.91 -15.60 9.25
N LYS B 62 -5.15 -15.45 8.76
CA LYS B 62 -5.80 -14.15 8.53
C LYS B 62 -4.95 -13.05 7.88
N LEU B 63 -4.49 -13.32 6.65
CA LEU B 63 -3.64 -12.40 5.91
C LEU B 63 -4.25 -11.01 5.71
N HIS B 64 -3.57 -10.01 6.28
CA HIS B 64 -3.98 -8.62 6.23
C HIS B 64 -2.72 -7.78 5.94
N ASP B 65 -2.49 -7.51 4.67
CA ASP B 65 -1.32 -6.75 4.19
C ASP B 65 -1.65 -6.08 2.86
N ILE B 66 -0.63 -5.54 2.17
CA ILE B 66 -0.82 -4.89 0.87
C ILE B 66 -1.11 -5.99 -0.19
N PRO B 67 -1.89 -5.69 -1.27
CA PRO B 67 -2.23 -6.66 -2.32
C PRO B 67 -1.16 -7.61 -2.85
N THR B 68 0.01 -7.08 -3.24
CA THR B 68 1.08 -7.92 -3.78
C THR B 68 1.73 -8.88 -2.78
N THR B 69 1.80 -8.48 -1.51
CA THR B 69 2.38 -9.31 -0.45
C THR B 69 1.46 -10.49 -0.13
N VAL B 70 0.14 -10.24 -0.12
CA VAL B 70 -0.88 -11.25 0.15
C VAL B 70 -0.94 -12.26 -1.00
N ASN B 71 -0.82 -11.76 -2.23
CA ASN B 71 -0.82 -12.57 -3.45
C ASN B 71 0.35 -13.57 -3.40
N LYS B 72 1.53 -13.03 -3.15
CA LYS B 72 2.77 -13.80 -3.08
C LYS B 72 2.78 -14.79 -1.90
N ALA B 73 2.20 -14.38 -0.78
CA ALA B 73 2.12 -15.21 0.43
C ALA B 73 1.13 -16.36 0.25
N MET B 74 0.05 -16.10 -0.48
CA MET B 74 -0.97 -17.11 -0.78
C MET B 74 -0.45 -18.20 -1.71
N LYS B 75 0.51 -17.85 -2.58
CA LYS B 75 1.16 -18.79 -3.50
C LYS B 75 1.98 -19.79 -2.71
N ARG B 76 2.55 -19.33 -1.60
CA ARG B 76 3.35 -20.18 -0.73
C ARG B 76 2.48 -21.13 0.09
N LEU B 77 1.31 -20.65 0.52
CA LEU B 77 0.38 -21.45 1.32
C LEU B 77 -0.35 -22.49 0.46
N ALA B 78 -0.45 -22.21 -0.83
CA ALA B 78 -1.10 -23.10 -1.79
C ALA B 78 -0.27 -24.35 -2.13
N SER B 79 1.00 -24.35 -1.71
CA SER B 79 1.90 -25.49 -1.94
C SER B 79 1.80 -26.49 -0.78
N LEU B 80 1.08 -26.09 0.27
CA LEU B 80 0.91 -26.91 1.46
C LEU B 80 -0.28 -27.88 1.38
N GLY B 81 -1.16 -27.64 0.41
CA GLY B 81 -2.32 -28.50 0.21
C GLY B 81 -3.40 -28.47 1.27
N VAL B 82 -3.78 -27.28 1.72
CA VAL B 82 -4.82 -27.12 2.74
C VAL B 82 -6.21 -27.08 2.09
N ASP B 83 -7.25 -27.24 2.91
CA ASP B 83 -8.63 -27.26 2.43
C ASP B 83 -9.35 -25.92 2.55
N LEU B 84 -8.97 -25.14 3.57
CA LEU B 84 -9.57 -23.84 3.83
C LEU B 84 -8.49 -22.87 4.34
N VAL B 85 -8.55 -21.62 3.87
CA VAL B 85 -7.59 -20.58 4.26
C VAL B 85 -8.33 -19.23 4.33
N ASN B 86 -7.72 -18.22 4.97
CA ASN B 86 -8.36 -16.90 5.09
C ASN B 86 -7.55 -15.60 5.05
N VAL B 87 -8.27 -14.52 4.81
CA VAL B 87 -7.77 -13.14 4.78
C VAL B 87 -8.74 -12.28 5.62
N HIS B 88 -8.38 -11.02 5.85
CA HIS B 88 -9.24 -10.06 6.56
C HIS B 88 -9.89 -9.21 5.49
N ALA B 89 -11.22 -9.06 5.56
CA ALA B 89 -11.98 -8.26 4.62
C ALA B 89 -11.70 -6.77 4.81
N ALA B 90 -11.11 -6.42 5.96
CA ALA B 90 -10.73 -5.05 6.29
C ALA B 90 -9.53 -4.62 5.45
N GLY B 91 -9.04 -5.54 4.61
CA GLY B 91 -7.93 -5.25 3.73
C GLY B 91 -8.35 -4.70 2.39
N GLY B 92 -9.66 -4.77 2.09
CA GLY B 92 -10.19 -4.27 0.84
C GLY B 92 -10.35 -5.31 -0.26
N LYS B 93 -11.12 -4.95 -1.28
CA LYS B 93 -11.40 -5.83 -2.44
C LYS B 93 -10.19 -6.21 -3.28
N LYS B 94 -9.35 -5.22 -3.59
CA LYS B 94 -8.14 -5.42 -4.40
C LYS B 94 -7.24 -6.48 -3.76
N MET B 95 -7.19 -6.44 -2.43
CA MET B 95 -6.40 -7.36 -1.63
C MET B 95 -6.99 -8.78 -1.59
N MET B 96 -8.32 -8.88 -1.49
CA MET B 96 -9.02 -10.17 -1.47
C MET B 96 -8.99 -10.85 -2.85
N GLN B 97 -8.99 -10.03 -3.92
CA GLN B 97 -8.91 -10.51 -5.30
C GLN B 97 -7.50 -11.04 -5.56
N ALA B 98 -6.50 -10.31 -5.07
CA ALA B 98 -5.09 -10.67 -5.21
C ALA B 98 -4.79 -12.00 -4.49
N ALA B 99 -5.48 -12.21 -3.38
CA ALA B 99 -5.35 -13.43 -2.57
C ALA B 99 -5.91 -14.65 -3.29
N LEU B 100 -7.02 -14.46 -4.00
CA LEU B 100 -7.68 -15.51 -4.77
C LEU B 100 -6.79 -15.91 -5.95
N GLU B 101 -6.21 -14.90 -6.60
CA GLU B 101 -5.32 -15.05 -7.75
C GLU B 101 -4.04 -15.80 -7.38
N GLY B 102 -3.51 -15.45 -6.20
CA GLY B 102 -2.29 -16.08 -5.70
C GLY B 102 -2.56 -17.52 -5.32
N LEU B 103 -3.75 -17.77 -4.79
CA LEU B 103 -4.16 -19.10 -4.38
C LEU B 103 -4.41 -20.02 -5.58
N GLU B 104 -5.07 -19.52 -6.62
CA GLU B 104 -5.33 -20.33 -7.81
C GLU B 104 -4.08 -20.55 -8.68
N GLU B 105 -3.13 -19.61 -8.57
CA GLU B 105 -1.87 -19.69 -9.31
C GLU B 105 -0.88 -20.63 -8.61
N GLY B 106 -0.85 -20.59 -7.27
CA GLY B 106 0.05 -21.42 -6.51
C GLY B 106 -0.35 -22.87 -6.30
N THR B 107 -1.63 -23.19 -6.54
CA THR B 107 -2.14 -24.55 -6.39
C THR B 107 -1.69 -25.42 -7.57
N PRO B 108 -1.08 -26.60 -7.31
CA PRO B 108 -0.63 -27.48 -8.40
C PRO B 108 -1.82 -28.01 -9.20
N ALA B 109 -1.60 -28.28 -10.49
CA ALA B 109 -2.64 -28.82 -11.37
C ALA B 109 -3.06 -30.21 -10.89
N GLY B 110 -4.36 -30.45 -10.92
CA GLY B 110 -4.89 -31.74 -10.48
C GLY B 110 -5.34 -31.71 -9.02
N LYS B 111 -4.78 -30.77 -8.27
CA LYS B 111 -5.11 -30.56 -6.86
C LYS B 111 -6.24 -29.54 -6.76
N LYS B 112 -7.08 -29.72 -5.75
CA LYS B 112 -8.20 -28.83 -5.51
C LYS B 112 -7.73 -27.53 -4.85
N ARG B 113 -8.22 -26.41 -5.40
CA ARG B 113 -7.91 -25.07 -4.92
C ARG B 113 -8.49 -24.91 -3.51
N PRO B 114 -7.68 -24.45 -2.53
CA PRO B 114 -8.17 -24.27 -1.15
C PRO B 114 -9.27 -23.21 -1.13
N SER B 115 -10.32 -23.47 -0.36
CA SER B 115 -11.43 -22.51 -0.24
C SER B 115 -10.94 -21.27 0.51
N LEU B 116 -11.26 -20.10 -0.03
CA LEU B 116 -10.84 -18.84 0.57
C LEU B 116 -12.00 -18.06 1.17
N ILE B 117 -11.91 -17.83 2.47
CA ILE B 117 -12.91 -17.11 3.23
C ILE B 117 -12.33 -15.82 3.81
N ALA B 118 -13.19 -14.83 4.07
CA ALA B 118 -12.74 -13.55 4.61
C ALA B 118 -13.30 -13.20 5.99
N VAL B 119 -12.40 -12.82 6.90
CA VAL B 119 -12.81 -12.42 8.26
C VAL B 119 -13.46 -11.05 8.19
N THR B 120 -14.69 -10.99 8.70
CA THR B 120 -15.49 -9.77 8.73
C THR B 120 -15.09 -9.01 10.00
N GLN B 121 -15.84 -9.21 11.08
CA GLN B 121 -15.53 -8.62 12.37
C GLN B 121 -15.30 -9.81 13.29
N LEU B 122 -14.17 -9.80 13.99
CA LEU B 122 -13.79 -10.87 14.92
C LEU B 122 -14.88 -11.12 15.96
N THR B 123 -15.13 -12.39 16.25
CA THR B 123 -16.15 -12.80 17.24
C THR B 123 -15.91 -12.26 18.65
N SER B 124 -14.73 -11.70 18.85
CA SER B 124 -14.29 -11.10 20.12
C SER B 124 -14.51 -9.58 20.14
N THR B 125 -14.90 -9.02 19.00
CA THR B 125 -15.15 -7.59 18.87
C THR B 125 -16.63 -7.29 19.12
N SER B 126 -16.89 -6.29 19.98
CA SER B 126 -18.25 -5.84 20.31
C SER B 126 -18.51 -4.59 19.48
N GLU B 127 -19.79 -4.20 19.38
CA GLU B 127 -20.19 -3.01 18.63
C GLU B 127 -19.59 -1.72 19.18
N GLN B 128 -19.45 -1.66 20.51
CA GLN B 128 -18.88 -0.50 21.20
C GLN B 128 -17.40 -0.35 20.86
N ILE B 129 -16.68 -1.48 20.82
CA ILE B 129 -15.25 -1.51 20.50
C ILE B 129 -15.07 -1.23 19.01
N MET B 130 -16.05 -1.64 18.19
CA MET B 130 -16.00 -1.40 16.75
C MET B 130 -16.25 0.07 16.40
N LYS B 131 -17.00 0.76 17.26
CA LYS B 131 -17.33 2.17 17.09
C LYS B 131 -16.27 3.09 17.68
N ASP B 132 -15.94 2.88 18.96
CA ASP B 132 -14.96 3.69 19.69
C ASP B 132 -13.50 3.51 19.29
N GLU B 133 -13.12 2.28 18.93
CA GLU B 133 -11.74 1.97 18.56
C GLU B 133 -11.42 1.80 17.07
N LEU B 134 -12.33 1.16 16.33
CA LEU B 134 -12.09 0.93 14.89
C LEU B 134 -12.62 2.03 14.00
N LEU B 135 -13.43 2.92 14.58
CA LEU B 135 -14.07 4.08 13.91
C LEU B 135 -15.11 3.80 12.83
N ILE B 136 -15.77 2.65 12.93
CA ILE B 136 -16.82 2.30 11.97
C ILE B 136 -18.12 2.74 12.65
N GLU B 137 -18.78 3.74 12.05
CA GLU B 137 -20.02 4.33 12.56
C GLU B 137 -21.28 3.49 12.33
N LYS B 138 -21.22 2.58 11.35
CA LYS B 138 -22.32 1.68 11.01
C LYS B 138 -22.44 0.59 12.07
N SER B 139 -23.58 -0.08 12.14
CA SER B 139 -23.79 -1.16 13.11
C SER B 139 -22.92 -2.37 12.77
N LEU B 140 -22.53 -3.14 13.78
CA LEU B 140 -21.69 -4.33 13.59
C LEU B 140 -22.28 -5.30 12.55
N ILE B 141 -23.59 -5.51 12.66
CA ILE B 141 -24.33 -6.39 11.75
C ILE B 141 -24.29 -5.90 10.29
N ASP B 142 -24.51 -4.60 10.07
CA ASP B 142 -24.48 -4.00 8.72
C ASP B 142 -23.06 -4.00 8.14
N THR B 143 -22.06 -3.88 9.02
CA THR B 143 -20.64 -3.88 8.65
C THR B 143 -20.24 -5.30 8.21
N VAL B 144 -20.71 -6.31 8.95
CA VAL B 144 -20.42 -7.71 8.64
C VAL B 144 -21.05 -8.12 7.30
N VAL B 145 -22.25 -7.60 7.03
CA VAL B 145 -22.97 -7.86 5.79
C VAL B 145 -22.26 -7.18 4.62
N HIS B 146 -21.78 -5.95 4.83
CA HIS B 146 -21.06 -5.19 3.80
C HIS B 146 -19.73 -5.87 3.43
N TYR B 147 -18.98 -6.31 4.44
CA TYR B 147 -17.70 -7.01 4.28
C TYR B 147 -17.89 -8.35 3.60
N SER B 148 -19.05 -8.97 3.83
CA SER B 148 -19.41 -10.26 3.21
C SER B 148 -19.70 -10.07 1.73
N LYS B 149 -20.35 -8.93 1.41
CA LYS B 149 -20.67 -8.58 0.02
C LYS B 149 -19.40 -8.25 -0.75
N GLN B 150 -18.44 -7.58 -0.07
CA GLN B 150 -17.15 -7.21 -0.66
C GLN B 150 -16.35 -8.47 -0.99
N ALA B 151 -16.45 -9.46 -0.09
CA ALA B 151 -15.77 -10.74 -0.24
C ALA B 151 -16.32 -11.54 -1.43
N GLU B 152 -17.65 -11.50 -1.60
CA GLU B 152 -18.35 -12.20 -2.68
C GLU B 152 -18.06 -11.61 -4.06
N GLU B 153 -18.03 -10.28 -4.13
CA GLU B 153 -17.75 -9.54 -5.36
C GLU B 153 -16.29 -9.72 -5.78
N SER B 154 -15.46 -10.14 -4.82
CA SER B 154 -14.04 -10.39 -5.05
C SER B 154 -13.79 -11.84 -5.51
N GLY B 155 -14.83 -12.66 -5.45
CA GLY B 155 -14.75 -14.05 -5.87
C GLY B 155 -14.49 -15.08 -4.78
N LEU B 156 -14.56 -14.65 -3.53
CA LEU B 156 -14.31 -15.52 -2.39
C LEU B 156 -15.49 -16.47 -2.10
N ASP B 157 -15.17 -17.59 -1.48
CA ASP B 157 -16.12 -18.66 -1.17
C ASP B 157 -16.98 -18.45 0.07
N GLY B 158 -16.53 -17.58 0.97
CA GLY B 158 -17.29 -17.34 2.18
C GLY B 158 -16.70 -16.33 3.12
N VAL B 159 -17.18 -16.38 4.36
CA VAL B 159 -16.72 -15.48 5.42
C VAL B 159 -16.62 -16.15 6.77
N VAL B 160 -15.89 -15.49 7.66
CA VAL B 160 -15.74 -15.91 9.05
C VAL B 160 -16.55 -14.79 9.71
N CYS B 161 -17.52 -15.18 10.52
CA CYS B 161 -18.38 -14.24 11.22
C CYS B 161 -18.91 -14.98 12.44
N SER B 162 -19.81 -14.35 13.18
CA SER B 162 -20.41 -15.01 14.32
C SER B 162 -21.74 -15.59 13.85
N VAL B 163 -22.32 -16.44 14.70
CA VAL B 163 -23.59 -17.11 14.46
C VAL B 163 -24.76 -16.13 14.27
N HIS B 164 -24.69 -15.03 15.01
CA HIS B 164 -25.72 -13.99 15.02
C HIS B 164 -25.80 -13.06 13.80
N GLU B 165 -24.87 -13.25 12.85
CA GLU B 165 -24.84 -12.47 11.63
C GLU B 165 -25.16 -13.30 10.39
N ALA B 166 -25.18 -14.63 10.57
CA ALA B 166 -25.45 -15.59 9.49
C ALA B 166 -26.72 -15.35 8.69
N LYS B 167 -27.85 -15.14 9.39
CA LYS B 167 -29.14 -14.89 8.73
C LYS B 167 -29.16 -13.57 7.94
N ALA B 168 -28.45 -12.58 8.47
CA ALA B 168 -28.35 -11.26 7.83
C ALA B 168 -27.46 -11.29 6.58
N ILE B 169 -26.42 -12.15 6.61
CA ILE B 169 -25.49 -12.32 5.49
C ILE B 169 -26.21 -13.01 4.33
N TYR B 170 -26.95 -14.09 4.63
CA TYR B 170 -27.69 -14.87 3.63
C TYR B 170 -28.83 -14.13 2.92
N GLN B 171 -29.20 -12.97 3.46
CA GLN B 171 -30.24 -12.13 2.87
C GLN B 171 -29.62 -11.26 1.77
N ALA B 172 -28.29 -11.10 1.81
CA ALA B 172 -27.56 -10.30 0.84
C ALA B 172 -26.67 -11.08 -0.12
N VAL B 173 -26.26 -12.29 0.30
CA VAL B 173 -25.39 -13.15 -0.52
C VAL B 173 -26.09 -14.41 -1.06
N SER B 174 -25.34 -15.16 -1.89
CA SER B 174 -25.78 -16.41 -2.50
C SER B 174 -25.90 -17.53 -1.45
N PRO B 175 -26.83 -18.48 -1.63
CA PRO B 175 -27.00 -19.58 -0.66
C PRO B 175 -25.79 -20.53 -0.52
N SER B 176 -24.93 -20.56 -1.55
CA SER B 176 -23.74 -21.41 -1.59
C SER B 176 -22.52 -20.80 -0.87
N PHE B 177 -22.69 -19.57 -0.39
CA PHE B 177 -21.65 -18.82 0.32
C PHE B 177 -21.47 -19.39 1.74
N LEU B 178 -20.22 -19.66 2.11
CA LEU B 178 -19.89 -20.23 3.42
C LEU B 178 -19.84 -19.23 4.57
N THR B 179 -20.28 -19.68 5.74
CA THR B 179 -20.23 -18.90 6.98
C THR B 179 -19.57 -19.81 8.00
N VAL B 180 -18.28 -19.56 8.25
CA VAL B 180 -17.49 -20.33 9.22
C VAL B 180 -17.60 -19.54 10.52
N THR B 181 -18.20 -20.18 11.53
CA THR B 181 -18.45 -19.49 12.79
C THR B 181 -17.75 -19.91 14.08
N PRO B 182 -16.86 -19.05 14.60
CA PRO B 182 -16.15 -19.32 15.85
C PRO B 182 -17.01 -18.66 16.95
N GLY B 183 -16.48 -18.59 18.17
CA GLY B 183 -17.22 -18.01 19.29
C GLY B 183 -18.22 -19.02 19.79
N ILE B 184 -17.86 -20.30 19.67
CA ILE B 184 -18.69 -21.42 20.08
C ILE B 184 -18.32 -21.92 21.48
N ARG B 185 -19.32 -21.99 22.35
CA ARG B 185 -19.18 -22.46 23.72
C ARG B 185 -20.39 -23.33 24.07
N MET B 186 -20.21 -24.30 24.98
CA MET B 186 -21.32 -25.15 25.44
C MET B 186 -22.04 -24.34 26.53
N SER B 187 -23.24 -24.76 26.90
CA SER B 187 -24.08 -24.07 27.90
C SER B 187 -23.43 -23.47 29.15
N GLU B 188 -22.63 -24.27 29.87
CA GLU B 188 -21.97 -23.81 31.09
C GLU B 188 -20.56 -23.23 30.93
N ASP B 189 -19.97 -23.38 29.74
CA ASP B 189 -18.61 -22.90 29.45
C ASP B 189 -18.38 -21.38 29.50
N ALA B 190 -17.22 -20.99 30.04
CA ALA B 190 -16.82 -19.59 30.17
C ALA B 190 -16.57 -19.00 28.79
N ALA B 191 -17.05 -17.77 28.58
CA ALA B 191 -16.94 -17.05 27.31
C ALA B 191 -15.53 -16.58 26.94
N ASN B 192 -14.66 -16.42 27.94
CA ASN B 192 -13.28 -15.96 27.78
C ASN B 192 -13.25 -14.57 27.12
N ASP B 193 -12.52 -14.43 26.01
CA ASP B 193 -12.42 -13.17 25.28
C ASP B 193 -13.46 -13.01 24.17
N GLN B 194 -14.29 -14.03 23.98
CA GLN B 194 -15.35 -14.04 22.97
C GLN B 194 -16.58 -13.24 23.41
N VAL B 195 -17.16 -12.48 22.47
CA VAL B 195 -18.32 -11.64 22.75
C VAL B 195 -19.64 -12.17 22.17
N ARG B 196 -19.64 -12.45 20.87
CA ARG B 196 -20.83 -12.94 20.18
C ARG B 196 -20.83 -14.47 20.18
N VAL B 197 -21.18 -14.99 21.35
CA VAL B 197 -21.21 -16.42 21.68
C VAL B 197 -22.52 -17.16 21.32
N ALA B 198 -22.37 -18.44 21.03
CA ALA B 198 -23.47 -19.34 20.70
C ALA B 198 -23.07 -20.78 20.97
N THR B 199 -24.07 -21.64 21.09
CA THR B 199 -23.90 -23.08 21.34
C THR B 199 -23.88 -23.78 19.97
N PRO B 200 -23.35 -25.04 19.90
CA PRO B 200 -23.34 -25.75 18.59
C PRO B 200 -24.74 -25.91 18.00
N ALA B 201 -25.75 -26.01 18.87
CA ALA B 201 -27.15 -26.16 18.49
C ALA B 201 -27.72 -24.91 17.83
N ILE B 202 -27.46 -23.74 18.43
CA ILE B 202 -27.93 -22.46 17.90
C ILE B 202 -27.24 -22.13 16.57
N ALA B 203 -26.00 -22.59 16.42
CA ALA B 203 -25.22 -22.39 15.19
C ALA B 203 -25.84 -23.16 14.01
N ARG B 204 -26.41 -24.33 14.34
CA ARG B 204 -27.08 -25.22 13.38
C ARG B 204 -28.40 -24.57 12.94
N GLU B 205 -29.14 -24.04 13.93
CA GLU B 205 -30.42 -23.38 13.70
C GLU B 205 -30.33 -22.07 12.91
N LYS B 206 -29.26 -21.29 13.15
CA LYS B 206 -29.09 -20.02 12.46
C LYS B 206 -28.46 -20.07 11.07
N GLY B 207 -28.18 -21.29 10.61
CA GLY B 207 -27.64 -21.49 9.28
C GLY B 207 -26.14 -21.44 9.04
N SER B 208 -25.33 -21.74 10.06
CA SER B 208 -23.88 -21.73 9.92
C SER B 208 -23.41 -22.91 9.05
N SER B 209 -22.44 -22.66 8.19
CA SER B 209 -21.89 -23.69 7.31
C SER B 209 -20.95 -24.63 8.06
N ALA B 210 -20.17 -24.05 8.97
CA ALA B 210 -19.19 -24.79 9.78
C ALA B 210 -18.92 -24.05 11.09
N ILE B 211 -18.59 -24.82 12.12
CA ILE B 211 -18.27 -24.25 13.43
C ILE B 211 -16.83 -24.50 13.85
N VAL B 212 -16.20 -23.47 14.39
CA VAL B 212 -14.82 -23.57 14.89
C VAL B 212 -14.92 -23.61 16.40
N VAL B 213 -14.49 -24.72 16.99
CA VAL B 213 -14.54 -24.90 18.42
C VAL B 213 -13.12 -25.11 18.95
N GLY B 214 -12.78 -24.35 19.98
CA GLY B 214 -11.47 -24.44 20.59
C GLY B 214 -11.45 -24.93 22.03
N ARG B 215 -11.45 -23.98 22.96
CA ARG B 215 -11.41 -24.24 24.40
C ARG B 215 -12.47 -25.15 25.03
N SER B 216 -13.67 -25.20 24.44
CA SER B 216 -14.75 -26.07 24.91
C SER B 216 -14.38 -27.54 24.76
N ILE B 217 -13.43 -27.80 23.86
CA ILE B 217 -12.91 -29.14 23.60
C ILE B 217 -11.52 -29.29 24.24
N THR B 218 -10.60 -28.39 23.92
CA THR B 218 -9.21 -28.43 24.40
C THR B 218 -8.94 -28.21 25.89
N LYS B 219 -9.82 -27.49 26.58
CA LYS B 219 -9.66 -27.23 28.02
C LYS B 219 -10.58 -28.07 28.92
N ALA B 220 -11.22 -29.08 28.31
CA ALA B 220 -12.12 -29.99 29.01
C ALA B 220 -11.35 -31.14 29.67
N GLU B 221 -12.03 -31.86 30.57
CA GLU B 221 -11.46 -33.01 31.30
C GLU B 221 -11.08 -34.13 30.32
N ASP B 222 -12.04 -34.48 29.47
CA ASP B 222 -11.87 -35.52 28.45
C ASP B 222 -12.25 -34.86 27.11
N PRO B 223 -11.25 -34.46 26.30
CA PRO B 223 -11.44 -33.81 24.99
C PRO B 223 -12.23 -34.59 23.95
N VAL B 224 -12.07 -35.91 23.97
CA VAL B 224 -12.76 -36.82 23.04
C VAL B 224 -14.27 -36.83 23.31
N LYS B 225 -14.63 -36.80 24.60
CA LYS B 225 -16.04 -36.79 25.03
C LYS B 225 -16.65 -35.41 24.75
N ALA B 226 -15.83 -34.38 24.93
CA ALA B 226 -16.24 -33.00 24.69
C ALA B 226 -16.53 -32.77 23.21
N TYR B 227 -15.68 -33.34 22.34
CA TYR B 227 -15.83 -33.25 20.88
C TYR B 227 -17.09 -33.98 20.43
N LYS B 228 -17.36 -35.13 21.03
CA LYS B 228 -18.54 -35.95 20.72
C LYS B 228 -19.84 -35.20 21.06
N ALA B 229 -19.84 -34.52 22.22
CA ALA B 229 -20.98 -33.72 22.69
C ALA B 229 -21.22 -32.52 21.77
N VAL B 230 -20.12 -31.92 21.29
CA VAL B 230 -20.16 -30.77 20.37
C VAL B 230 -20.63 -31.26 18.99
N ARG B 231 -20.15 -32.43 18.57
CA ARG B 231 -20.49 -33.05 17.28
C ARG B 231 -21.98 -33.44 17.17
N LEU B 232 -22.50 -34.09 18.22
CA LEU B 232 -23.89 -34.55 18.27
C LEU B 232 -24.91 -33.41 18.39
N GLU B 233 -24.47 -32.30 18.98
CA GLU B 233 -25.34 -31.13 19.14
C GLU B 233 -25.35 -30.34 17.82
N TRP B 234 -24.27 -30.44 17.06
CA TRP B 234 -24.12 -29.78 15.76
C TRP B 234 -24.87 -30.53 14.63
N GLU B 235 -24.79 -31.85 14.64
CA GLU B 235 -25.46 -32.69 13.63
C GLU B 235 -26.97 -32.78 13.86
N GLY B 236 -27.35 -33.14 15.08
CA GLY B 236 -28.77 -33.26 15.44
C GLY B 236 -29.07 -34.31 16.51
N ASN C 3 14.51 14.98 -19.77
CA ASN C 3 13.85 13.96 -18.90
C ASN C 3 13.29 12.84 -19.78
N ASN C 4 13.67 11.62 -19.46
CA ASN C 4 13.26 10.41 -20.20
C ASN C 4 11.78 10.02 -20.10
N LEU C 5 11.05 10.68 -19.20
CA LEU C 5 9.63 10.39 -19.02
C LEU C 5 8.72 11.41 -19.69
N PRO C 6 7.84 10.96 -20.60
CA PRO C 6 6.89 11.85 -21.30
C PRO C 6 5.90 12.35 -20.27
N ILE C 7 5.64 13.66 -20.30
CA ILE C 7 4.72 14.29 -19.35
C ILE C 7 3.27 14.08 -19.81
N ILE C 8 2.52 13.30 -19.02
CA ILE C 8 1.13 12.98 -19.32
C ILE C 8 0.20 14.09 -18.89
N ALA C 9 -0.53 14.64 -19.85
CA ALA C 9 -1.49 15.70 -19.58
C ALA C 9 -2.76 15.12 -18.98
N LEU C 10 -2.97 15.39 -17.69
CA LEU C 10 -4.13 14.91 -16.96
C LEU C 10 -5.28 15.89 -17.12
N ASP C 11 -5.83 15.93 -18.33
CA ASP C 11 -6.94 16.80 -18.68
C ASP C 11 -8.25 16.06 -18.42
N PHE C 12 -8.60 16.01 -17.14
CA PHE C 12 -9.81 15.33 -16.64
C PHE C 12 -10.62 16.30 -15.79
N ALA C 13 -11.92 16.03 -15.70
CA ALA C 13 -12.86 16.85 -14.96
C ALA C 13 -12.92 16.73 -13.43
N SER C 14 -12.26 15.73 -12.86
CA SER C 14 -12.26 15.52 -11.40
C SER C 14 -11.10 14.63 -10.94
N ALA C 15 -10.89 14.57 -9.62
CA ALA C 15 -9.84 13.75 -9.02
C ALA C 15 -10.14 12.26 -9.22
N GLU C 16 -11.43 11.91 -9.20
CA GLU C 16 -11.90 10.54 -9.37
C GLU C 16 -11.55 9.95 -10.74
N GLU C 17 -11.81 10.72 -11.81
CA GLU C 17 -11.50 10.29 -13.19
C GLU C 17 -10.00 10.15 -13.43
N THR C 18 -9.23 11.04 -12.81
CA THR C 18 -7.78 11.09 -12.92
C THR C 18 -7.11 9.85 -12.30
N LEU C 19 -7.58 9.46 -11.11
CA LEU C 19 -7.03 8.31 -10.39
C LEU C 19 -7.43 6.97 -11.00
N ALA C 20 -8.61 6.91 -11.61
CA ALA C 20 -9.13 5.70 -12.26
C ALA C 20 -8.34 5.45 -13.54
N PHE C 21 -7.92 6.53 -14.18
CA PHE C 21 -7.13 6.50 -15.40
C PHE C 21 -5.69 6.08 -15.05
N LEU C 22 -5.18 6.62 -13.96
CA LEU C 22 -3.82 6.33 -13.51
C LEU C 22 -3.62 4.96 -12.84
N ALA C 23 -4.71 4.28 -12.49
CA ALA C 23 -4.63 2.97 -11.84
C ALA C 23 -3.87 1.89 -12.65
N PRO C 24 -4.10 1.76 -13.99
CA PRO C 24 -3.36 0.74 -14.73
C PRO C 24 -1.87 1.09 -14.97
N PHE C 25 -1.49 2.33 -14.60
CA PHE C 25 -0.11 2.83 -14.76
C PHE C 25 0.77 2.57 -13.52
N GLN C 26 0.28 1.74 -12.60
CA GLN C 26 1.00 1.45 -11.35
C GLN C 26 2.42 0.88 -11.47
N GLN C 27 2.71 0.17 -12.56
CA GLN C 27 4.03 -0.41 -12.78
C GLN C 27 4.97 0.54 -13.53
N GLU C 28 4.51 1.78 -13.76
CA GLU C 28 5.26 2.79 -14.49
C GLU C 28 5.67 4.05 -13.70
N PRO C 29 6.92 4.56 -13.91
CA PRO C 29 7.39 5.78 -13.22
C PRO C 29 6.59 6.90 -13.92
N LEU C 30 6.07 7.86 -13.15
CA LEU C 30 5.23 8.91 -13.73
C LEU C 30 5.64 10.37 -13.60
N PHE C 31 5.49 11.09 -14.70
CA PHE C 31 5.74 12.54 -14.76
C PHE C 31 4.40 12.99 -15.34
N VAL C 32 3.63 13.69 -14.52
CA VAL C 32 2.31 14.16 -14.91
C VAL C 32 2.13 15.68 -14.95
N LYS C 33 1.16 16.12 -15.74
CA LYS C 33 0.83 17.53 -15.88
C LYS C 33 -0.58 17.85 -15.43
N VAL C 34 -0.68 18.75 -14.46
CA VAL C 34 -1.95 19.21 -13.93
C VAL C 34 -2.16 20.59 -14.55
N GLY C 35 -3.22 20.70 -15.34
CA GLY C 35 -3.54 21.96 -15.99
C GLY C 35 -4.72 22.67 -15.35
N MET C 36 -5.31 23.58 -16.12
CA MET C 36 -6.43 24.40 -15.69
C MET C 36 -7.69 23.64 -15.32
N GLU C 37 -8.07 22.63 -16.13
CA GLU C 37 -9.27 21.84 -15.90
C GLU C 37 -9.32 21.13 -14.55
N LEU C 38 -8.28 20.33 -14.28
CA LEU C 38 -8.17 19.57 -13.04
C LEU C 38 -7.99 20.44 -11.79
N PHE C 39 -7.11 21.44 -11.88
CA PHE C 39 -6.83 22.34 -10.76
C PHE C 39 -7.99 23.27 -10.39
N TYR C 40 -8.69 23.82 -11.37
CA TYR C 40 -9.81 24.74 -11.09
C TYR C 40 -11.04 24.08 -10.48
N GLN C 41 -11.10 22.75 -10.62
CA GLN C 41 -12.18 21.93 -10.07
C GLN C 41 -11.83 21.41 -8.67
N GLU C 42 -10.59 20.95 -8.51
CA GLU C 42 -10.15 20.35 -7.25
C GLU C 42 -9.28 21.20 -6.30
N GLY C 43 -8.54 22.13 -6.87
CA GLY C 43 -7.66 22.98 -6.09
C GLY C 43 -6.35 22.30 -5.74
N PRO C 44 -5.59 22.81 -4.73
CA PRO C 44 -4.31 22.28 -4.26
C PRO C 44 -4.28 20.82 -3.85
N SER C 45 -5.43 20.29 -3.40
CA SER C 45 -5.53 18.91 -2.94
C SER C 45 -5.16 17.84 -3.98
N ILE C 46 -5.40 18.13 -5.26
CA ILE C 46 -5.08 17.21 -6.35
C ILE C 46 -3.57 17.14 -6.62
N VAL C 47 -2.87 18.25 -6.35
CA VAL C 47 -1.42 18.33 -6.51
C VAL C 47 -0.81 17.48 -5.39
N LYS C 48 -1.39 17.60 -4.20
CA LYS C 48 -0.99 16.87 -3.00
C LYS C 48 -1.23 15.36 -3.19
N GLN C 49 -2.39 15.01 -3.74
CA GLN C 49 -2.76 13.61 -3.99
C GLN C 49 -1.81 12.87 -4.94
N LEU C 50 -1.43 13.55 -6.02
CA LEU C 50 -0.53 13.00 -7.04
C LEU C 50 0.94 13.02 -6.60
N LYS C 51 1.33 14.01 -5.80
CA LYS C 51 2.70 14.12 -5.30
C LYS C 51 2.94 13.05 -4.23
N GLU C 52 1.85 12.64 -3.56
CA GLU C 52 1.90 11.59 -2.55
C GLU C 52 1.80 10.21 -3.19
N ARG C 53 1.86 10.18 -4.53
CA ARG C 53 1.84 8.94 -5.32
C ARG C 53 3.15 8.84 -6.10
N ASN C 54 4.11 9.69 -5.68
CA ASN C 54 5.47 9.79 -6.22
C ASN C 54 5.58 10.31 -7.66
N CYS C 55 4.53 10.96 -8.13
CA CYS C 55 4.52 11.52 -9.48
C CYS C 55 5.30 12.81 -9.53
N GLU C 56 6.09 13.00 -10.58
CA GLU C 56 6.81 14.25 -10.79
C GLU C 56 5.68 15.14 -11.35
N LEU C 57 5.60 16.39 -10.90
CA LEU C 57 4.51 17.24 -11.32
C LEU C 57 4.82 18.59 -12.00
N PHE C 58 4.10 18.82 -13.09
CA PHE C 58 4.17 20.03 -13.89
C PHE C 58 2.83 20.72 -13.66
N LEU C 59 2.86 21.86 -12.96
CA LEU C 59 1.63 22.64 -12.72
C LEU C 59 1.57 23.68 -13.85
N ASP C 60 0.79 23.34 -14.87
CA ASP C 60 0.61 24.14 -16.09
C ASP C 60 -0.56 25.13 -15.97
N LEU C 61 -0.37 26.19 -15.17
CA LEU C 61 -1.41 27.18 -15.00
C LEU C 61 -1.25 28.43 -15.86
N LYS C 62 -0.05 28.60 -16.41
CA LYS C 62 0.32 29.71 -17.31
C LYS C 62 -0.06 31.11 -16.81
N LEU C 63 0.55 31.52 -15.70
CA LEU C 63 0.29 32.81 -15.06
C LEU C 63 0.57 34.02 -15.97
N HIS C 64 -0.50 34.74 -16.27
CA HIS C 64 -0.47 35.91 -17.13
C HIS C 64 -1.27 37.02 -16.44
N ASP C 65 -0.58 37.84 -15.66
CA ASP C 65 -1.18 38.93 -14.88
C ASP C 65 -0.18 40.05 -14.65
N ILE C 66 -0.54 41.05 -13.84
CA ILE C 66 0.36 42.15 -13.53
C ILE C 66 1.53 41.58 -12.69
N PRO C 67 2.74 42.17 -12.79
CA PRO C 67 3.91 41.68 -12.02
C PRO C 67 3.72 41.27 -10.56
N THR C 68 3.13 42.15 -9.75
CA THR C 68 2.92 41.88 -8.33
C THR C 68 1.98 40.70 -8.01
N THR C 69 0.96 40.51 -8.83
CA THR C 69 -0.02 39.41 -8.65
C THR C 69 0.64 38.06 -8.97
N VAL C 70 1.49 38.04 -9.99
CA VAL C 70 2.20 36.83 -10.40
C VAL C 70 3.25 36.45 -9.36
N ASN C 71 3.90 37.47 -8.79
CA ASN C 71 4.91 37.29 -7.74
C ASN C 71 4.29 36.61 -6.49
N LYS C 72 3.15 37.16 -6.05
CA LYS C 72 2.45 36.67 -4.88
C LYS C 72 1.80 35.31 -5.08
N ALA C 73 1.36 35.05 -6.32
CA ALA C 73 0.75 33.77 -6.69
C ALA C 73 1.80 32.65 -6.77
N MET C 74 3.01 33.00 -7.22
CA MET C 74 4.11 32.03 -7.31
C MET C 74 4.64 31.62 -5.93
N LYS C 75 4.49 32.52 -4.94
CA LYS C 75 4.89 32.27 -3.55
C LYS C 75 4.04 31.13 -2.98
N ARG C 76 2.75 31.15 -3.33
CA ARG C 76 1.79 30.13 -2.89
C ARG C 76 2.00 28.77 -3.56
N LEU C 77 2.45 28.79 -4.81
CA LEU C 77 2.70 27.56 -5.58
C LEU C 77 3.99 26.86 -5.20
N ALA C 78 4.96 27.63 -4.71
CA ALA C 78 6.26 27.13 -4.28
C ALA C 78 6.17 26.37 -2.95
N SER C 79 5.07 26.59 -2.24
CA SER C 79 4.80 25.93 -0.95
C SER C 79 4.12 24.57 -1.17
N LEU C 80 3.59 24.36 -2.37
CA LEU C 80 2.90 23.13 -2.76
C LEU C 80 3.78 21.92 -3.04
N GLY C 81 5.00 22.16 -3.53
CA GLY C 81 5.91 21.06 -3.82
C GLY C 81 5.92 20.55 -5.25
N VAL C 82 5.56 21.41 -6.20
CA VAL C 82 5.56 21.06 -7.63
C VAL C 82 6.99 21.07 -8.17
N ASP C 83 7.24 20.28 -9.21
CA ASP C 83 8.57 20.18 -9.81
C ASP C 83 8.83 21.16 -10.96
N LEU C 84 7.74 21.53 -11.65
CA LEU C 84 7.80 22.44 -12.77
C LEU C 84 6.52 23.28 -12.79
N VAL C 85 6.68 24.57 -13.10
CA VAL C 85 5.57 25.53 -13.14
C VAL C 85 5.80 26.53 -14.30
N ASN C 86 4.78 27.30 -14.67
CA ASN C 86 4.92 28.25 -15.79
C ASN C 86 4.16 29.58 -15.80
N VAL C 87 4.62 30.47 -16.67
CA VAL C 87 4.05 31.80 -16.93
C VAL C 87 3.97 32.02 -18.44
N HIS C 88 3.32 33.11 -18.86
CA HIS C 88 3.24 33.47 -20.29
C HIS C 88 4.30 34.52 -20.52
N ALA C 89 5.10 34.35 -21.57
CA ALA C 89 6.14 35.32 -21.91
C ALA C 89 5.50 36.61 -22.41
N ALA C 90 4.23 36.51 -22.85
CA ALA C 90 3.44 37.64 -23.34
C ALA C 90 3.11 38.64 -22.22
N GLY C 91 3.54 38.32 -21.00
CA GLY C 91 3.33 39.20 -19.87
C GLY C 91 4.51 40.12 -19.60
N GLY C 92 5.58 39.94 -20.39
CA GLY C 92 6.78 40.75 -20.26
C GLY C 92 7.83 40.23 -19.31
N LYS C 93 9.02 40.82 -19.41
CA LYS C 93 10.20 40.46 -18.60
C LYS C 93 10.06 40.78 -17.12
N LYS C 94 9.44 41.92 -16.81
CA LYS C 94 9.24 42.35 -15.42
C LYS C 94 8.39 41.32 -14.66
N MET C 95 7.37 40.81 -15.36
CA MET C 95 6.46 39.81 -14.83
C MET C 95 7.12 38.44 -14.65
N MET C 96 7.96 38.07 -15.62
CA MET C 96 8.68 36.80 -15.59
C MET C 96 9.72 36.78 -14.46
N GLN C 97 10.30 37.95 -14.22
CA GLN C 97 11.31 38.16 -13.17
C GLN C 97 10.62 38.10 -11.80
N ALA C 98 9.43 38.68 -11.73
CA ALA C 98 8.62 38.72 -10.51
C ALA C 98 8.18 37.32 -10.12
N ALA C 99 7.92 36.50 -11.15
CA ALA C 99 7.52 35.09 -10.99
C ALA C 99 8.64 34.28 -10.34
N LEU C 100 9.87 34.50 -10.82
CA LEU C 100 11.06 33.83 -10.31
C LEU C 100 11.30 34.24 -8.87
N GLU C 101 11.23 35.55 -8.63
CA GLU C 101 11.42 36.14 -7.29
C GLU C 101 10.39 35.63 -6.29
N GLY C 102 9.19 35.35 -6.79
CA GLY C 102 8.11 34.84 -5.97
C GLY C 102 8.34 33.39 -5.59
N LEU C 103 8.83 32.61 -6.56
CA LEU C 103 9.13 31.19 -6.36
C LEU C 103 10.22 30.93 -5.33
N GLU C 104 11.31 31.71 -5.40
CA GLU C 104 12.42 31.55 -4.46
C GLU C 104 12.16 32.10 -3.07
N GLU C 105 11.21 33.02 -2.94
CA GLU C 105 10.86 33.58 -1.64
C GLU C 105 9.82 32.68 -0.96
N GLY C 106 9.05 31.96 -1.77
CA GLY C 106 8.01 31.07 -1.27
C GLY C 106 8.48 29.66 -0.99
N THR C 107 9.71 29.35 -1.41
CA THR C 107 10.31 28.03 -1.22
C THR C 107 10.98 27.94 0.17
N PRO C 108 10.65 26.90 0.97
CA PRO C 108 11.23 26.74 2.32
C PRO C 108 12.75 26.55 2.26
N ALA C 109 13.45 27.00 3.31
CA ALA C 109 14.91 26.90 3.38
C ALA C 109 15.38 25.45 3.40
N GLY C 110 16.45 25.19 2.66
CA GLY C 110 17.01 23.85 2.57
C GLY C 110 16.53 23.14 1.32
N LYS C 111 15.30 23.46 0.91
CA LYS C 111 14.66 22.88 -0.28
C LYS C 111 14.96 23.66 -1.55
N LYS C 112 14.90 22.97 -2.69
CA LYS C 112 15.16 23.55 -4.00
C LYS C 112 13.83 24.08 -4.58
N ARG C 113 13.91 25.17 -5.33
CA ARG C 113 12.74 25.80 -5.94
C ARG C 113 12.23 25.04 -7.18
N PRO C 114 10.92 25.17 -7.51
CA PRO C 114 10.39 24.48 -8.69
C PRO C 114 10.99 25.12 -9.95
N SER C 115 11.17 24.35 -11.02
CA SER C 115 11.70 24.88 -12.27
C SER C 115 10.60 25.76 -12.89
N LEU C 116 10.99 26.90 -13.44
CA LEU C 116 10.06 27.85 -14.04
C LEU C 116 10.32 28.07 -15.52
N ILE C 117 9.28 27.87 -16.32
CA ILE C 117 9.36 28.04 -17.76
C ILE C 117 8.34 29.05 -18.28
N ALA C 118 8.59 29.59 -19.48
CA ALA C 118 7.68 30.56 -20.06
C ALA C 118 7.03 30.07 -21.35
N VAL C 119 5.72 30.24 -21.45
CA VAL C 119 4.99 29.87 -22.66
C VAL C 119 5.29 30.99 -23.66
N THR C 120 5.75 30.60 -24.84
CA THR C 120 6.08 31.55 -25.89
C THR C 120 4.79 31.80 -26.69
N GLN C 121 4.58 30.99 -27.73
CA GLN C 121 3.37 31.07 -28.52
C GLN C 121 2.78 29.68 -28.40
N LEU C 122 1.49 29.62 -28.09
CA LEU C 122 0.77 28.36 -27.94
C LEU C 122 0.91 27.47 -29.18
N THR C 123 1.05 26.16 -28.96
CA THR C 123 1.20 25.19 -30.04
C THR C 123 -0.03 25.10 -30.96
N SER C 124 -1.10 25.76 -30.51
CA SER C 124 -2.39 25.84 -31.21
C SER C 124 -2.59 27.16 -31.96
N THR C 125 -1.63 28.06 -31.83
CA THR C 125 -1.67 29.37 -32.46
C THR C 125 -0.97 29.35 -33.83
N SER C 126 -1.73 29.67 -34.87
CA SER C 126 -1.18 29.73 -36.23
C SER C 126 -0.56 31.11 -36.42
N GLU C 127 0.35 31.23 -37.38
CA GLU C 127 1.01 32.50 -37.69
C GLU C 127 -0.03 33.48 -38.24
N GLN C 128 -1.03 32.93 -38.92
CA GLN C 128 -2.13 33.69 -39.50
C GLN C 128 -2.85 34.49 -38.39
N ILE C 129 -3.30 33.80 -37.33
CA ILE C 129 -4.00 34.47 -36.22
C ILE C 129 -3.05 35.26 -35.32
N MET C 130 -1.77 34.92 -35.32
CA MET C 130 -0.78 35.63 -34.53
C MET C 130 -0.58 37.02 -35.11
N LYS C 131 -0.71 37.13 -36.43
CA LYS C 131 -0.58 38.38 -37.17
C LYS C 131 -1.92 39.13 -37.22
N ASP C 132 -2.99 38.44 -37.62
CA ASP C 132 -4.32 39.03 -37.77
C ASP C 132 -5.11 39.31 -36.49
N GLU C 133 -5.02 38.41 -35.51
CA GLU C 133 -5.75 38.56 -34.26
C GLU C 133 -4.94 39.13 -33.11
N LEU C 134 -3.69 38.69 -32.97
CA LEU C 134 -2.82 39.17 -31.89
C LEU C 134 -1.99 40.41 -32.24
N LEU C 135 -1.95 40.74 -33.54
CA LEU C 135 -1.22 41.90 -34.09
C LEU C 135 0.31 41.93 -34.00
N ILE C 136 0.92 40.75 -33.93
CA ILE C 136 2.38 40.64 -33.89
C ILE C 136 2.79 40.53 -35.37
N GLU C 137 3.54 41.52 -35.87
CA GLU C 137 3.96 41.55 -37.28
C GLU C 137 5.25 40.82 -37.63
N LYS C 138 5.91 40.24 -36.62
CA LYS C 138 7.12 39.44 -36.83
C LYS C 138 6.63 38.02 -37.08
N SER C 139 7.47 37.18 -37.67
CA SER C 139 7.09 35.77 -37.94
C SER C 139 6.99 34.99 -36.62
N LEU C 140 6.18 33.93 -36.59
CA LEU C 140 6.01 33.10 -35.40
C LEU C 140 7.32 32.54 -34.87
N ILE C 141 8.16 32.05 -35.78
CA ILE C 141 9.46 31.49 -35.45
C ILE C 141 10.37 32.52 -34.74
N ASP C 142 10.41 33.75 -35.28
CA ASP C 142 11.22 34.84 -34.70
C ASP C 142 10.66 35.32 -33.36
N THR C 143 9.32 35.35 -33.26
CA THR C 143 8.60 35.76 -32.06
C THR C 143 8.88 34.79 -30.91
N VAL C 144 8.88 33.49 -31.21
CA VAL C 144 9.15 32.45 -30.22
C VAL C 144 10.59 32.57 -29.70
N VAL C 145 11.54 32.79 -30.62
CA VAL C 145 12.96 32.95 -30.28
C VAL C 145 13.18 34.22 -29.45
N HIS C 146 12.45 35.30 -29.78
CA HIS C 146 12.55 36.58 -29.07
C HIS C 146 12.02 36.43 -27.62
N TYR C 147 10.86 35.78 -27.49
CA TYR C 147 10.22 35.52 -26.20
C TYR C 147 11.07 34.60 -25.34
N SER C 148 11.78 33.67 -25.99
CA SER C 148 12.66 32.71 -25.32
C SER C 148 13.94 33.33 -24.75
N LYS C 149 14.55 34.25 -25.49
CA LYS C 149 15.77 34.92 -25.05
C LYS C 149 15.45 35.82 -23.86
N GLN C 150 14.27 36.45 -23.92
CA GLN C 150 13.78 37.33 -22.87
C GLN C 150 13.49 36.57 -21.59
N ALA C 151 13.05 35.32 -21.75
CA ALA C 151 12.76 34.42 -20.64
C ALA C 151 14.07 34.04 -19.96
N GLU C 152 15.12 33.81 -20.76
CA GLU C 152 16.45 33.48 -20.23
C GLU C 152 17.07 34.67 -19.51
N GLU C 153 16.90 35.85 -20.09
CA GLU C 153 17.42 37.12 -19.54
C GLU C 153 16.72 37.48 -18.23
N SER C 154 15.54 36.90 -18.03
CA SER C 154 14.75 37.12 -16.83
C SER C 154 15.11 36.13 -15.73
N GLY C 155 15.95 35.16 -16.07
CA GLY C 155 16.41 34.15 -15.11
C GLY C 155 15.66 32.82 -15.12
N LEU C 156 14.77 32.64 -16.09
CA LEU C 156 13.98 31.41 -16.21
C LEU C 156 14.76 30.22 -16.72
N ASP C 157 14.30 29.02 -16.35
CA ASP C 157 14.94 27.75 -16.71
C ASP C 157 14.70 27.22 -18.11
N GLY C 158 13.61 27.71 -18.74
CA GLY C 158 13.29 27.25 -20.07
C GLY C 158 12.04 27.87 -20.65
N VAL C 159 11.50 27.20 -21.67
CA VAL C 159 10.27 27.65 -22.35
C VAL C 159 9.36 26.51 -22.77
N VAL C 160 8.12 26.87 -23.10
CA VAL C 160 7.15 25.94 -23.65
C VAL C 160 7.04 26.48 -25.08
N CYS C 161 7.16 25.58 -26.04
CA CYS C 161 7.12 25.90 -27.46
C CYS C 161 6.79 24.62 -28.21
N SER C 162 6.70 24.72 -29.53
CA SER C 162 6.46 23.53 -30.33
C SER C 162 7.83 23.00 -30.76
N VAL C 163 7.83 21.77 -31.25
CA VAL C 163 9.04 21.09 -31.72
C VAL C 163 9.76 21.82 -32.85
N HIS C 164 8.98 22.45 -33.73
CA HIS C 164 9.49 23.18 -34.89
C HIS C 164 10.18 24.52 -34.60
N GLU C 165 10.30 24.86 -33.32
CA GLU C 165 10.96 26.08 -32.89
C GLU C 165 12.21 25.82 -32.06
N ALA C 166 12.35 24.58 -31.57
CA ALA C 166 13.47 24.17 -30.72
C ALA C 166 14.89 24.46 -31.22
N LYS C 167 15.18 24.12 -32.48
CA LYS C 167 16.51 24.35 -33.08
C LYS C 167 16.84 25.83 -33.22
N ALA C 168 15.82 26.61 -33.56
CA ALA C 168 15.95 28.06 -33.72
C ALA C 168 16.20 28.73 -32.37
N ILE C 169 15.54 28.21 -31.32
CA ILE C 169 15.67 28.70 -29.95
C ILE C 169 17.10 28.48 -29.43
N TYR C 170 17.66 27.30 -29.70
CA TYR C 170 19.01 26.95 -29.27
C TYR C 170 20.17 27.66 -29.98
N GLN C 171 19.83 28.59 -30.86
CA GLN C 171 20.81 29.39 -31.59
C GLN C 171 20.97 30.75 -30.90
N ALA C 172 20.10 31.02 -29.92
CA ALA C 172 20.11 32.26 -29.17
C ALA C 172 20.25 32.07 -27.66
N VAL C 173 19.94 30.86 -27.18
CA VAL C 173 20.01 30.56 -25.75
C VAL C 173 21.04 29.48 -25.42
N SER C 174 21.31 29.32 -24.12
CA SER C 174 22.27 28.34 -23.59
C SER C 174 21.75 26.91 -23.85
N PRO C 175 22.67 25.93 -24.13
CA PRO C 175 22.25 24.55 -24.40
C PRO C 175 21.44 23.86 -23.29
N SER C 176 21.68 24.28 -22.05
CA SER C 176 21.01 23.72 -20.87
C SER C 176 19.60 24.27 -20.60
N PHE C 177 19.17 25.22 -21.45
CA PHE C 177 17.85 25.85 -21.38
C PHE C 177 16.81 24.81 -21.81
N LEU C 178 15.74 24.67 -21.02
CA LEU C 178 14.71 23.69 -21.30
C LEU C 178 13.72 24.07 -22.38
N THR C 179 13.32 23.07 -23.17
CA THR C 179 12.30 23.24 -24.20
C THR C 179 11.28 22.14 -23.96
N VAL C 180 10.18 22.52 -23.34
CA VAL C 180 9.08 21.61 -23.03
C VAL C 180 8.13 21.75 -24.21
N THR C 181 7.97 20.66 -24.97
CA THR C 181 7.16 20.68 -26.17
C THR C 181 5.87 19.88 -26.26
N PRO C 182 4.71 20.58 -26.32
CA PRO C 182 3.42 19.89 -26.44
C PRO C 182 3.12 19.83 -27.94
N GLY C 183 1.89 19.48 -28.31
CA GLY C 183 1.56 19.35 -29.73
C GLY C 183 2.17 18.05 -30.24
N ILE C 184 2.22 17.06 -29.36
CA ILE C 184 2.78 15.76 -29.69
C ILE C 184 1.68 14.77 -30.05
N ARG C 185 1.83 14.16 -31.21
CA ARG C 185 0.88 13.18 -31.73
C ARG C 185 1.65 12.04 -32.37
N MET C 186 1.15 10.81 -32.21
CA MET C 186 1.77 9.64 -32.84
C MET C 186 1.38 9.74 -34.32
N SER C 187 2.16 9.11 -35.20
CA SER C 187 1.97 9.14 -36.67
C SER C 187 0.55 9.20 -37.26
N GLU C 188 -0.38 8.44 -36.68
CA GLU C 188 -1.76 8.40 -37.16
C GLU C 188 -2.78 9.15 -36.31
N ASP C 189 -2.32 9.91 -35.31
CA ASP C 189 -3.21 10.67 -34.43
C ASP C 189 -3.52 12.07 -34.97
N ALA C 190 -4.77 12.47 -34.80
CA ALA C 190 -5.28 13.77 -35.25
C ALA C 190 -4.70 14.93 -34.46
N ALA C 191 -4.48 16.05 -35.15
CA ALA C 191 -3.91 17.26 -34.57
C ALA C 191 -4.86 17.99 -33.66
N ASN C 192 -6.17 17.79 -33.86
CA ASN C 192 -7.26 18.43 -33.12
C ASN C 192 -7.11 19.96 -33.28
N ASP C 193 -6.96 20.67 -32.17
CA ASP C 193 -6.80 22.12 -32.18
C ASP C 193 -5.32 22.56 -32.28
N GLN C 194 -4.41 21.59 -32.34
CA GLN C 194 -2.98 21.89 -32.47
C GLN C 194 -2.61 22.24 -33.90
N VAL C 195 -1.62 23.13 -34.06
CA VAL C 195 -1.17 23.58 -35.38
C VAL C 195 0.23 23.06 -35.75
N ARG C 196 1.16 23.11 -34.81
CA ARG C 196 2.51 22.62 -35.06
C ARG C 196 2.76 21.33 -34.29
N VAL C 197 2.51 20.22 -34.99
CA VAL C 197 2.65 18.89 -34.41
C VAL C 197 3.87 18.12 -34.86
N ALA C 198 4.22 17.12 -34.03
CA ALA C 198 5.35 16.24 -34.27
C ALA C 198 5.20 14.98 -33.46
N THR C 199 5.86 13.93 -33.93
CA THR C 199 5.89 12.63 -33.29
C THR C 199 6.99 12.67 -32.20
N PRO C 200 6.96 11.73 -31.21
CA PRO C 200 8.00 11.74 -30.16
C PRO C 200 9.42 11.61 -30.74
N ALA C 201 9.53 10.91 -31.88
CA ALA C 201 10.80 10.69 -32.58
C ALA C 201 11.33 11.99 -33.19
N ILE C 202 10.45 12.76 -33.82
CA ILE C 202 10.81 14.04 -34.44
C ILE C 202 11.18 15.04 -33.33
N ALA C 203 10.52 14.92 -32.18
CA ALA C 203 10.76 15.76 -31.01
C ALA C 203 12.15 15.54 -30.42
N ARG C 204 12.61 14.28 -30.50
CA ARG C 204 13.93 13.85 -30.01
C ARG C 204 15.02 14.38 -30.94
N GLU C 205 14.76 14.27 -32.25
CA GLU C 205 15.69 14.70 -33.31
C GLU C 205 15.92 16.21 -33.35
N LYS C 206 14.87 16.98 -33.06
CA LYS C 206 14.94 18.44 -33.07
C LYS C 206 15.48 19.04 -31.78
N GLY C 207 15.80 18.19 -30.81
CA GLY C 207 16.39 18.63 -29.56
C GLY C 207 15.50 19.09 -28.41
N SER C 208 14.29 18.55 -28.32
CA SER C 208 13.37 18.89 -27.23
C SER C 208 13.88 18.29 -25.92
N SER C 209 13.69 19.02 -24.82
CA SER C 209 14.15 18.57 -23.50
C SER C 209 13.12 17.67 -22.82
N ALA C 210 11.84 17.95 -23.04
CA ALA C 210 10.74 17.17 -22.48
C ALA C 210 9.50 17.31 -23.35
N ILE C 211 8.74 16.22 -23.48
CA ILE C 211 7.51 16.23 -24.27
C ILE C 211 6.26 16.12 -23.43
N VAL C 212 5.23 16.85 -23.85
CA VAL C 212 3.92 16.85 -23.18
C VAL C 212 2.95 16.15 -24.13
N VAL C 213 2.39 15.05 -23.66
CA VAL C 213 1.46 14.25 -24.44
C VAL C 213 0.13 14.08 -23.69
N GLY C 214 -0.96 14.46 -24.36
CA GLY C 214 -2.28 14.35 -23.78
C GLY C 214 -3.13 13.29 -24.45
N ARG C 215 -3.97 13.74 -25.39
CA ARG C 215 -4.92 12.89 -26.13
C ARG C 215 -4.40 11.64 -26.86
N SER C 216 -3.12 11.60 -27.21
CA SER C 216 -2.54 10.42 -27.86
C SER C 216 -2.45 9.23 -26.90
N ILE C 217 -2.48 9.55 -25.60
CA ILE C 217 -2.43 8.58 -24.52
C ILE C 217 -3.83 8.43 -23.90
N THR C 218 -4.41 9.54 -23.46
CA THR C 218 -5.72 9.55 -22.80
C THR C 218 -6.94 9.13 -23.62
N LYS C 219 -6.89 9.33 -24.93
CA LYS C 219 -8.00 8.98 -25.82
C LYS C 219 -7.75 7.71 -26.64
N ALA C 220 -6.67 7.00 -26.30
CA ALA C 220 -6.32 5.75 -26.97
C ALA C 220 -7.08 4.59 -26.33
N GLU C 221 -7.28 3.51 -27.11
CA GLU C 221 -7.99 2.31 -26.66
C GLU C 221 -7.35 1.70 -25.41
N ASP C 222 -6.03 1.62 -25.42
CA ASP C 222 -5.23 1.12 -24.31
C ASP C 222 -4.21 2.22 -23.99
N PRO C 223 -4.53 3.12 -23.03
CA PRO C 223 -3.67 4.23 -22.60
C PRO C 223 -2.25 3.88 -22.15
N VAL C 224 -2.10 2.73 -21.48
CA VAL C 224 -0.80 2.25 -20.98
C VAL C 224 0.11 1.82 -22.12
N LYS C 225 -0.45 1.07 -23.07
CA LYS C 225 0.29 0.58 -24.24
C LYS C 225 0.69 1.75 -25.12
N ALA C 226 -0.19 2.76 -25.19
CA ALA C 226 0.06 3.97 -25.96
C ALA C 226 1.21 4.76 -25.33
N TYR C 227 1.18 4.89 -24.00
CA TYR C 227 2.24 5.60 -23.25
C TYR C 227 3.60 4.92 -23.42
N LYS C 228 3.60 3.59 -23.38
CA LYS C 228 4.84 2.80 -23.54
C LYS C 228 5.44 2.98 -24.93
N ALA C 229 4.58 3.11 -25.94
CA ALA C 229 4.98 3.32 -27.33
C ALA C 229 5.59 4.71 -27.48
N VAL C 230 4.95 5.69 -26.82
CA VAL C 230 5.41 7.09 -26.81
C VAL C 230 6.78 7.18 -26.11
N ARG C 231 6.92 6.48 -24.98
CA ARG C 231 8.18 6.46 -24.20
C ARG C 231 9.34 5.82 -24.95
N LEU C 232 9.07 4.68 -25.60
CA LEU C 232 10.08 3.94 -26.37
C LEU C 232 10.55 4.71 -27.61
N GLU C 233 9.62 5.43 -28.26
CA GLU C 233 9.92 6.24 -29.45
C GLU C 233 10.69 7.51 -29.06
N TRP C 234 10.44 8.00 -27.86
CA TRP C 234 11.08 9.19 -27.29
C TRP C 234 12.52 8.92 -26.83
N GLU C 235 12.75 7.75 -26.24
CA GLU C 235 14.08 7.37 -25.76
C GLU C 235 15.02 6.92 -26.87
N GLY C 236 14.45 6.56 -28.03
CA GLY C 236 15.24 6.12 -29.17
C GLY C 236 15.38 4.62 -29.31
#